data_8G20
#
_entry.id   8G20
#
_cell.length_a   48.244
_cell.length_b   55.544
_cell.length_c   74.399
_cell.angle_alpha   73.00
_cell.angle_beta   89.90
_cell.angle_gamma   82.82
#
_symmetry.space_group_name_H-M   'P 1'
#
loop_
_entity.id
_entity.type
_entity.pdbx_description
1 polymer 'Hdac6 protein'
2 non-polymer 4-[(N-butylpentanamido)methyl]-N-hydroxybenzamide
3 non-polymer 1,2-ETHANEDIOL
4 non-polymer 'ZINC ION'
5 non-polymer 'POTASSIUM ION'
6 non-polymer ETHANOL
7 water water
#
_entity_poly.entity_id   1
_entity_poly.type   'polypeptide(L)'
_entity_poly.pdbx_seq_one_letter_code
;SNAGGSSPITGLVYDQRMMLHHNMWDSHHPELPQRISRIFSRHEELRLLSRCHRIPARLATEEELALCHSSKHISIIKSS
EHMKPRDLNRLGDEYNSIFISNESYTCALLAAGSCFNSAQAILTGQVRNAVAIVRPPGHHAEKDTACGFCFFNTAALTAR
YAQSITRESLRVLIVDWDVHHGNGTQHIFEEDDSVLYISLHRYEDGAFFPNSEDANYDKVGLGKGRGYNVNIPWNGGKMG
DPEYMAAFHHLVMPIAREFAPELVLVSAGFDAARGDPLGGFQVTPEGYAHLTHQLMSLAAGRVLIILEGGYNLTSISESM
SMCTSMLLGDSPPSLDHLTPLKTSATVSINNVLRAHAPFWSSLR
;
_entity_poly.pdbx_strand_id   A,B
#
# COMPACT_ATOMS: atom_id res chain seq x y z
N SER A 7 -16.32 -40.57 -5.73
CA SER A 7 -15.29 -39.63 -5.28
C SER A 7 -15.38 -38.33 -6.11
N PRO A 8 -15.68 -37.21 -5.45
CA PRO A 8 -15.94 -35.97 -6.21
C PRO A 8 -14.69 -35.48 -6.91
N ILE A 9 -14.91 -34.85 -8.07
CA ILE A 9 -13.83 -34.32 -8.89
C ILE A 9 -13.88 -32.80 -8.89
N THR A 10 -12.72 -32.18 -8.73
CA THR A 10 -12.59 -30.73 -8.82
C THR A 10 -11.95 -30.38 -10.15
N GLY A 11 -12.57 -29.46 -10.85
CA GLY A 11 -12.02 -28.97 -12.08
C GLY A 11 -11.12 -27.77 -11.85
N LEU A 12 -10.17 -27.58 -12.75
CA LEU A 12 -9.32 -26.40 -12.72
C LEU A 12 -9.15 -25.92 -14.15
N VAL A 13 -9.32 -24.62 -14.38
CA VAL A 13 -9.02 -24.04 -15.68
C VAL A 13 -7.99 -22.94 -15.49
N TYR A 14 -6.95 -22.96 -16.33
CA TYR A 14 -5.91 -21.95 -16.37
C TYR A 14 -5.30 -22.00 -17.77
N ASP A 15 -5.10 -20.84 -18.36
CA ASP A 15 -4.49 -20.74 -19.68
C ASP A 15 -3.56 -19.54 -19.66
N GLN A 16 -2.27 -19.75 -19.95
CA GLN A 16 -1.29 -18.68 -19.83
C GLN A 16 -1.53 -17.57 -20.85
N ARG A 17 -2.31 -17.81 -21.91
CA ARG A 17 -2.60 -16.73 -22.85
C ARG A 17 -3.30 -15.55 -22.18
N MET A 18 -4.03 -15.78 -21.09
CA MET A 18 -4.62 -14.65 -20.38
C MET A 18 -3.57 -13.71 -19.78
N MET A 19 -2.28 -14.08 -19.80
CA MET A 19 -1.24 -13.15 -19.32
C MET A 19 -0.95 -12.02 -20.31
N LEU A 20 -1.43 -12.14 -21.54
CA LEU A 20 -1.02 -11.20 -22.58
C LEU A 20 -1.64 -9.82 -22.41
N HIS A 21 -2.81 -9.74 -21.76
CA HIS A 21 -3.39 -8.46 -21.40
C HIS A 21 -2.44 -7.69 -20.48
N HIS A 22 -2.00 -6.51 -20.91
CA HIS A 22 -1.01 -5.81 -20.10
C HIS A 22 -1.18 -4.30 -20.22
N ASN A 23 -0.56 -3.61 -19.28
CA ASN A 23 -0.57 -2.15 -19.21
C ASN A 23 0.67 -1.63 -19.89
N MET A 24 0.49 -1.00 -21.04
CA MET A 24 1.62 -0.55 -21.84
C MET A 24 2.28 0.70 -21.28
N TRP A 25 1.65 1.39 -20.32
CA TRP A 25 2.20 2.64 -19.80
C TRP A 25 2.70 2.54 -18.37
N ASP A 26 2.39 1.46 -17.67
CA ASP A 26 2.95 1.23 -16.33
C ASP A 26 3.01 -0.29 -16.15
N SER A 27 4.18 -0.84 -16.45
CA SER A 27 4.34 -2.29 -16.36
C SER A 27 4.21 -2.80 -14.93
N HIS A 28 4.11 -1.92 -13.93
CA HIS A 28 3.96 -2.35 -12.55
C HIS A 28 2.55 -2.20 -12.04
N HIS A 29 1.61 -1.81 -12.89
CA HIS A 29 0.21 -1.67 -12.49
C HIS A 29 -0.25 -2.96 -11.80
N PRO A 30 -0.90 -2.85 -10.64
CA PRO A 30 -1.13 -4.06 -9.82
C PRO A 30 -1.94 -5.17 -10.48
N GLU A 31 -2.79 -4.89 -11.49
CA GLU A 31 -3.53 -5.98 -12.17
C GLU A 31 -2.58 -6.63 -13.19
N LEU A 32 -1.65 -7.41 -12.64
CA LEU A 32 -0.45 -7.86 -13.36
C LEU A 32 -0.69 -9.20 -14.03
N PRO A 33 -0.08 -9.42 -15.21
CA PRO A 33 -0.12 -10.78 -15.78
C PRO A 33 0.32 -11.86 -14.82
N GLN A 34 1.32 -11.57 -13.98
CA GLN A 34 1.87 -12.57 -13.08
C GLN A 34 0.94 -12.93 -11.93
N ARG A 35 -0.20 -12.26 -11.79
CA ARG A 35 -1.19 -12.72 -10.81
C ARG A 35 -1.59 -14.17 -11.08
N ILE A 36 -1.97 -14.47 -12.32
CA ILE A 36 -2.46 -15.82 -12.57
C ILE A 36 -1.33 -16.84 -12.67
N SER A 37 -0.16 -16.46 -13.21
CA SER A 37 0.96 -17.40 -13.23
C SER A 37 1.47 -17.74 -11.83
N ARG A 38 1.50 -16.76 -10.92
CA ARG A 38 1.87 -17.06 -9.54
C ARG A 38 0.83 -17.98 -8.89
N ILE A 39 -0.47 -17.69 -9.05
CA ILE A 39 -1.47 -18.56 -8.45
C ILE A 39 -1.33 -19.98 -9.00
N PHE A 40 -1.15 -20.12 -10.32
CA PHE A 40 -0.96 -21.43 -10.95
C PHE A 40 0.26 -22.15 -10.40
N SER A 41 1.40 -21.45 -10.33
CA SER A 41 2.61 -22.08 -9.82
C SER A 41 2.45 -22.55 -8.39
N ARG A 42 1.67 -21.83 -7.57
CA ARG A 42 1.46 -22.28 -6.19
C ARG A 42 0.59 -23.54 -6.15
N HIS A 43 -0.38 -23.65 -7.06
CA HIS A 43 -1.18 -24.86 -7.16
C HIS A 43 -0.31 -26.05 -7.53
N GLU A 44 0.69 -25.83 -8.39
CA GLU A 44 1.62 -26.91 -8.72
C GLU A 44 2.50 -27.25 -7.52
N GLU A 45 3.03 -26.22 -6.86
CA GLU A 45 3.95 -26.44 -5.74
C GLU A 45 3.25 -27.19 -4.63
N LEU A 46 2.00 -26.84 -4.34
CA LEU A 46 1.24 -27.49 -3.28
C LEU A 46 0.62 -28.82 -3.72
N ARG A 47 0.87 -29.25 -4.95
CA ARG A 47 0.36 -30.51 -5.50
C ARG A 47 -1.17 -30.51 -5.50
N LEU A 48 -1.75 -29.34 -5.77
CA LEU A 48 -3.19 -29.24 -5.92
C LEU A 48 -3.61 -29.47 -7.35
N LEU A 49 -2.80 -28.97 -8.29
CA LEU A 49 -3.14 -29.08 -9.70
C LEU A 49 -3.25 -30.53 -10.13
N SER A 50 -2.29 -31.36 -9.72
CA SER A 50 -2.32 -32.77 -10.11
C SER A 50 -3.58 -33.46 -9.63
N ARG A 51 -4.20 -32.93 -8.58
CA ARG A 51 -5.40 -33.56 -8.03
C ARG A 51 -6.67 -33.15 -8.76
N CYS A 52 -6.58 -32.18 -9.65
CA CYS A 52 -7.77 -31.63 -10.29
C CYS A 52 -7.92 -32.19 -11.69
N HIS A 53 -9.16 -32.19 -12.19
CA HIS A 53 -9.43 -32.48 -13.60
C HIS A 53 -9.25 -31.20 -14.39
N ARG A 54 -8.33 -31.22 -15.35
CA ARG A 54 -7.98 -30.01 -16.08
C ARG A 54 -9.04 -29.70 -17.13
N ILE A 55 -9.66 -28.53 -17.02
CA ILE A 55 -10.73 -28.10 -17.94
C ILE A 55 -10.11 -27.15 -18.94
N PRO A 56 -10.34 -27.32 -20.25
CA PRO A 56 -9.75 -26.40 -21.22
C PRO A 56 -10.39 -25.02 -21.20
N ALA A 57 -9.59 -24.03 -21.53
CA ALA A 57 -10.08 -22.69 -21.78
C ALA A 57 -10.68 -22.61 -23.17
N ARG A 58 -11.59 -21.66 -23.35
CA ARG A 58 -12.04 -21.30 -24.68
C ARG A 58 -12.40 -19.83 -24.69
N LEU A 59 -12.55 -19.29 -25.90
CA LEU A 59 -13.11 -17.97 -26.08
C LEU A 59 -14.61 -18.00 -25.90
N ALA A 60 -15.13 -17.04 -25.16
CA ALA A 60 -16.56 -16.77 -25.29
C ALA A 60 -16.83 -16.24 -26.69
N THR A 61 -18.02 -16.54 -27.21
CA THR A 61 -18.48 -15.99 -28.47
C THR A 61 -19.16 -14.64 -28.26
N GLU A 62 -19.30 -13.88 -29.34
CA GLU A 62 -20.03 -12.62 -29.25
C GLU A 62 -21.48 -12.86 -28.81
N GLU A 63 -22.09 -13.95 -29.28
CA GLU A 63 -23.46 -14.23 -28.86
C GLU A 63 -23.55 -14.47 -27.35
N GLU A 64 -22.55 -15.14 -26.79
CA GLU A 64 -22.53 -15.35 -25.33
C GLU A 64 -22.32 -14.04 -24.58
N LEU A 65 -21.46 -13.16 -25.09
CA LEU A 65 -21.31 -11.84 -24.46
C LEU A 65 -22.63 -11.09 -24.46
N ALA A 66 -23.45 -11.28 -25.49
CA ALA A 66 -24.74 -10.59 -25.54
C ALA A 66 -25.71 -11.09 -24.48
N LEU A 67 -25.40 -12.18 -23.78
CA LEU A 67 -26.25 -12.57 -22.67
C LEU A 67 -26.36 -11.47 -21.63
N CYS A 68 -25.30 -10.66 -21.48
CA CYS A 68 -25.26 -9.62 -20.48
C CYS A 68 -24.91 -8.24 -21.02
N HIS A 69 -24.25 -8.13 -22.19
CA HIS A 69 -23.67 -6.88 -22.64
C HIS A 69 -24.31 -6.41 -23.95
N SER A 70 -24.48 -5.09 -24.03
CA SER A 70 -24.93 -4.42 -25.24
C SER A 70 -23.99 -4.64 -26.43
N SER A 71 -24.58 -4.75 -27.62
CA SER A 71 -23.78 -4.79 -28.83
C SER A 71 -22.78 -3.62 -28.91
N LYS A 72 -23.20 -2.40 -28.51
CA LYS A 72 -22.30 -1.25 -28.61
C LYS A 72 -21.07 -1.42 -27.72
N HIS A 73 -21.25 -1.97 -26.53
CA HIS A 73 -20.11 -2.21 -25.65
C HIS A 73 -19.21 -3.31 -26.20
N ILE A 74 -19.79 -4.42 -26.67
CA ILE A 74 -18.99 -5.49 -27.26
C ILE A 74 -18.18 -4.95 -28.42
N SER A 75 -18.80 -4.11 -29.25
CA SER A 75 -18.15 -3.61 -30.45
C SER A 75 -16.91 -2.77 -30.13
N ILE A 76 -17.03 -1.86 -29.16
CA ILE A 76 -15.92 -0.96 -28.87
C ILE A 76 -14.73 -1.73 -28.31
N ILE A 77 -14.98 -2.68 -27.40
CA ILE A 77 -13.88 -3.46 -26.85
C ILE A 77 -13.29 -4.36 -27.91
N LYS A 78 -14.14 -4.99 -28.73
CA LYS A 78 -13.64 -5.81 -29.84
C LYS A 78 -12.71 -5.01 -30.76
N SER A 79 -13.07 -3.75 -31.04
CA SER A 79 -12.27 -2.92 -31.93
C SER A 79 -10.89 -2.59 -31.37
N SER A 80 -10.72 -2.63 -30.03
CA SER A 80 -9.40 -2.36 -29.46
C SER A 80 -8.36 -3.35 -29.95
N GLU A 81 -8.77 -4.55 -30.40
CA GLU A 81 -7.79 -5.56 -30.80
C GLU A 81 -6.87 -5.04 -31.89
N HIS A 82 -7.36 -4.08 -32.69
CA HIS A 82 -6.64 -3.58 -33.85
C HIS A 82 -6.19 -2.14 -33.70
N MET A 83 -6.17 -1.63 -32.48
CA MET A 83 -5.85 -0.22 -32.26
C MET A 83 -4.35 0.01 -32.10
N LYS A 84 -3.90 1.17 -32.59
CA LYS A 84 -2.54 1.63 -32.33
C LYS A 84 -2.39 2.02 -30.86
N PRO A 85 -1.16 2.03 -30.35
CA PRO A 85 -0.95 2.38 -28.93
C PRO A 85 -1.62 3.67 -28.48
N ARG A 86 -1.49 4.75 -29.26
CA ARG A 86 -2.08 6.00 -28.79
C ARG A 86 -3.60 5.91 -28.74
N ASP A 87 -4.22 5.15 -29.64
CA ASP A 87 -5.66 4.95 -29.57
C ASP A 87 -6.05 4.03 -28.41
N LEU A 88 -5.23 3.02 -28.11
CA LEU A 88 -5.47 2.20 -26.93
C LEU A 88 -5.40 3.03 -25.65
N ASN A 89 -4.42 3.93 -25.54
CA ASN A 89 -4.36 4.79 -24.37
C ASN A 89 -5.57 5.72 -24.27
N ARG A 90 -5.99 6.31 -25.40
CA ARG A 90 -7.14 7.20 -25.34
C ARG A 90 -8.41 6.45 -24.95
N LEU A 91 -8.64 5.29 -25.57
CA LEU A 91 -9.86 4.52 -25.28
C LEU A 91 -9.91 4.09 -23.82
N GLY A 92 -8.80 3.59 -23.28
CA GLY A 92 -8.80 3.18 -21.89
C GLY A 92 -9.08 4.34 -20.95
N ASP A 93 -8.57 5.52 -21.27
CA ASP A 93 -8.81 6.70 -20.44
C ASP A 93 -10.26 7.18 -20.50
N GLU A 94 -11.07 6.70 -21.44
CA GLU A 94 -12.48 7.07 -21.47
C GLU A 94 -13.30 6.38 -20.40
N TYR A 95 -12.76 5.31 -19.80
CA TYR A 95 -13.42 4.56 -18.74
C TYR A 95 -12.82 4.91 -17.39
N ASN A 96 -13.47 4.45 -16.34
CA ASN A 96 -12.94 4.57 -14.99
C ASN A 96 -12.01 3.38 -14.74
N SER A 97 -10.72 3.65 -14.63
CA SER A 97 -9.69 2.68 -14.23
C SER A 97 -9.66 1.45 -15.15
N ILE A 98 -9.32 1.69 -16.41
CA ILE A 98 -9.15 0.65 -17.43
C ILE A 98 -7.86 0.96 -18.18
N PHE A 99 -7.02 -0.07 -18.38
CA PHE A 99 -5.95 -0.03 -19.37
C PHE A 99 -6.22 -1.12 -20.40
N ILE A 100 -5.81 -0.87 -21.65
CA ILE A 100 -6.14 -1.79 -22.76
C ILE A 100 -4.87 -2.03 -23.59
N SER A 101 -4.61 -3.28 -23.91
CA SER A 101 -3.61 -3.66 -24.91
C SER A 101 -4.32 -4.36 -26.05
N ASN A 102 -3.58 -4.61 -27.13
CA ASN A 102 -4.17 -5.31 -28.28
C ASN A 102 -4.71 -6.69 -27.92
N GLU A 103 -4.22 -7.31 -26.86
CA GLU A 103 -4.67 -8.65 -26.48
C GLU A 103 -5.80 -8.62 -25.45
N SER A 104 -6.20 -7.44 -24.95
CA SER A 104 -7.16 -7.40 -23.84
C SER A 104 -8.49 -8.04 -24.20
N TYR A 105 -9.01 -7.75 -25.40
CA TYR A 105 -10.30 -8.33 -25.78
C TYR A 105 -10.24 -9.85 -25.76
N THR A 106 -9.22 -10.43 -26.43
CA THR A 106 -9.04 -11.88 -26.44
C THR A 106 -8.91 -12.44 -25.02
N CYS A 107 -8.20 -11.74 -24.14
CA CYS A 107 -8.03 -12.26 -22.78
C CYS A 107 -9.36 -12.25 -22.03
N ALA A 108 -10.15 -11.20 -22.22
CA ALA A 108 -11.43 -11.13 -21.56
C ALA A 108 -12.37 -12.21 -22.07
N LEU A 109 -12.29 -12.50 -23.37
CA LEU A 109 -13.04 -13.61 -23.95
C LEU A 109 -12.60 -14.93 -23.37
N LEU A 110 -11.29 -15.11 -23.20
CA LEU A 110 -10.78 -16.36 -22.63
C LEU A 110 -11.21 -16.52 -21.18
N ALA A 111 -11.20 -15.44 -20.40
CA ALA A 111 -11.64 -15.55 -19.01
C ALA A 111 -13.08 -16.05 -18.94
N ALA A 112 -13.96 -15.46 -19.76
CA ALA A 112 -15.36 -15.84 -19.74
C ALA A 112 -15.56 -17.23 -20.29
N GLY A 113 -14.93 -17.55 -21.42
CA GLY A 113 -15.12 -18.89 -21.97
C GLY A 113 -14.58 -19.98 -21.06
N SER A 114 -13.50 -19.68 -20.33
CA SER A 114 -12.98 -20.64 -19.35
C SER A 114 -14.01 -20.92 -18.27
N CYS A 115 -14.70 -19.87 -17.82
CA CYS A 115 -15.73 -20.02 -16.80
C CYS A 115 -16.97 -20.72 -17.36
N PHE A 116 -17.32 -20.45 -18.62
CA PHE A 116 -18.42 -21.20 -19.23
C PHE A 116 -18.10 -22.68 -19.27
N ASN A 117 -16.90 -23.05 -19.75
CA ASN A 117 -16.57 -24.47 -19.79
C ASN A 117 -16.57 -25.07 -18.41
N SER A 118 -16.19 -24.29 -17.39
CA SER A 118 -16.17 -24.83 -16.05
C SER A 118 -17.58 -25.04 -15.52
N ALA A 119 -18.46 -24.07 -15.75
CA ALA A 119 -19.86 -24.20 -15.32
C ALA A 119 -20.53 -25.38 -16.02
N GLN A 120 -20.23 -25.56 -17.31
CA GLN A 120 -20.78 -26.70 -18.06
C GLN A 120 -20.29 -28.01 -17.48
N ALA A 121 -19.00 -28.07 -17.14
CA ALA A 121 -18.43 -29.28 -16.54
C ALA A 121 -19.13 -29.63 -15.24
N ILE A 122 -19.42 -28.62 -14.40
CA ILE A 122 -20.12 -28.84 -13.14
C ILE A 122 -21.56 -29.31 -13.39
N LEU A 123 -22.29 -28.60 -14.24
CA LEU A 123 -23.72 -28.86 -14.41
C LEU A 123 -23.98 -30.20 -15.09
N THR A 124 -23.11 -30.62 -16.01
CA THR A 124 -23.26 -31.93 -16.65
C THR A 124 -22.63 -33.06 -15.85
N GLY A 125 -22.10 -32.78 -14.67
CA GLY A 125 -21.59 -33.82 -13.80
C GLY A 125 -20.22 -34.35 -14.13
N GLN A 126 -19.47 -33.69 -15.01
CA GLN A 126 -18.09 -34.12 -15.25
C GLN A 126 -17.21 -33.84 -14.04
N VAL A 127 -17.50 -32.77 -13.30
CA VAL A 127 -16.80 -32.45 -12.06
C VAL A 127 -17.86 -31.97 -11.08
N ARG A 128 -17.53 -32.08 -9.79
CA ARG A 128 -18.44 -31.55 -8.77
C ARG A 128 -18.33 -30.03 -8.65
N ASN A 129 -17.12 -29.51 -8.62
CA ASN A 129 -16.89 -28.08 -8.40
C ASN A 129 -15.66 -27.71 -9.20
N ALA A 130 -15.30 -26.41 -9.22
CA ALA A 130 -14.17 -26.03 -10.06
C ALA A 130 -13.62 -24.67 -9.65
N VAL A 131 -12.38 -24.42 -10.09
CA VAL A 131 -11.69 -23.17 -9.81
C VAL A 131 -11.17 -22.63 -11.14
N ALA A 132 -11.36 -21.33 -11.36
CA ALA A 132 -10.99 -20.66 -12.62
C ALA A 132 -10.00 -19.57 -12.28
N ILE A 133 -8.74 -19.79 -12.68
CA ILE A 133 -7.65 -18.84 -12.47
C ILE A 133 -7.61 -17.99 -13.73
N VAL A 134 -8.34 -16.87 -13.70
CA VAL A 134 -8.57 -16.08 -14.89
C VAL A 134 -8.29 -14.61 -14.62
N ARG A 135 -7.95 -13.89 -15.69
CA ARG A 135 -7.88 -12.43 -15.74
C ARG A 135 -8.10 -12.02 -17.19
N PRO A 136 -8.51 -10.76 -17.45
CA PRO A 136 -8.84 -9.67 -16.52
C PRO A 136 -10.11 -10.00 -15.71
N PRO A 137 -10.31 -9.35 -14.56
CA PRO A 137 -11.52 -9.63 -13.75
C PRO A 137 -12.79 -9.14 -14.42
N GLY A 138 -13.93 -9.35 -13.76
CA GLY A 138 -15.22 -9.13 -14.41
C GLY A 138 -16.25 -8.29 -13.67
N HIS A 139 -16.22 -8.27 -12.34
CA HIS A 139 -17.45 -7.91 -11.60
C HIS A 139 -17.80 -6.43 -11.65
N HIS A 140 -16.87 -5.53 -12.05
CA HIS A 140 -17.22 -4.13 -12.22
C HIS A 140 -17.81 -3.85 -13.59
N ALA A 141 -17.72 -4.79 -14.53
CA ALA A 141 -18.22 -4.52 -15.87
C ALA A 141 -19.74 -4.46 -15.85
N GLU A 142 -20.28 -3.44 -16.54
CA GLU A 142 -21.72 -3.21 -16.66
C GLU A 142 -22.20 -3.74 -18.01
N LYS A 143 -23.52 -3.73 -18.20
CA LYS A 143 -24.05 -4.14 -19.49
C LYS A 143 -23.41 -3.35 -20.61
N ASP A 144 -23.18 -2.05 -20.39
CA ASP A 144 -22.77 -1.16 -21.46
C ASP A 144 -21.41 -0.49 -21.23
N THR A 145 -20.61 -0.94 -20.27
CA THR A 145 -19.35 -0.23 -20.07
C THR A 145 -18.33 -1.07 -19.34
N ALA A 146 -17.06 -0.84 -19.66
CA ALA A 146 -15.95 -1.42 -18.92
C ALA A 146 -15.64 -0.54 -17.72
N CYS A 147 -15.05 -1.13 -16.69
CA CYS A 147 -14.85 -0.36 -15.47
C CYS A 147 -13.94 -1.17 -14.56
N GLY A 148 -13.08 -0.49 -13.83
CA GLY A 148 -12.31 -1.11 -12.77
C GLY A 148 -11.57 -2.38 -13.14
N PHE A 149 -10.79 -2.33 -14.22
CA PHE A 149 -9.94 -3.42 -14.73
C PHE A 149 -10.77 -4.49 -15.40
N CYS A 150 -12.07 -4.32 -15.51
CA CYS A 150 -12.98 -5.35 -16.01
C CYS A 150 -13.59 -4.91 -17.33
N PHE A 151 -13.60 -5.82 -18.31
CA PHE A 151 -14.18 -5.56 -19.62
C PHE A 151 -15.56 -6.16 -19.79
N PHE A 152 -15.69 -7.45 -19.51
CA PHE A 152 -16.97 -8.13 -19.54
C PHE A 152 -17.19 -8.80 -18.20
N ASN A 153 -18.45 -8.92 -17.80
CA ASN A 153 -18.74 -9.44 -16.46
C ASN A 153 -18.79 -10.98 -16.52
N THR A 154 -17.61 -11.57 -16.30
CA THR A 154 -17.42 -13.01 -16.37
C THR A 154 -18.40 -13.76 -15.50
N ALA A 155 -18.57 -13.33 -14.24
CA ALA A 155 -19.46 -14.06 -13.34
C ALA A 155 -20.92 -13.94 -13.77
N ALA A 156 -21.37 -12.72 -14.11
CA ALA A 156 -22.74 -12.53 -14.55
C ALA A 156 -23.02 -13.34 -15.81
N LEU A 157 -22.09 -13.27 -16.76
CA LEU A 157 -22.21 -14.05 -18.00
C LEU A 157 -22.30 -15.54 -17.72
N THR A 158 -21.54 -16.01 -16.74
CA THR A 158 -21.53 -17.45 -16.44
C THR A 158 -22.87 -17.88 -15.83
N ALA A 159 -23.47 -17.04 -14.98
CA ALA A 159 -24.83 -17.33 -14.51
C ALA A 159 -25.79 -17.46 -15.68
N ARG A 160 -25.77 -16.49 -16.60
CA ARG A 160 -26.66 -16.54 -17.74
C ARG A 160 -26.32 -17.69 -18.68
N TYR A 161 -25.02 -17.99 -18.83
CA TYR A 161 -24.66 -19.14 -19.66
C TYR A 161 -25.18 -20.44 -19.03
N ALA A 162 -25.00 -20.57 -17.72
CA ALA A 162 -25.52 -21.72 -16.99
C ALA A 162 -27.01 -21.88 -17.23
N GLN A 163 -27.78 -20.79 -17.09
CA GLN A 163 -29.21 -20.89 -17.36
C GLN A 163 -29.48 -21.29 -18.81
N SER A 164 -28.68 -20.75 -19.74
CA SER A 164 -28.86 -21.07 -21.16
C SER A 164 -28.68 -22.56 -21.48
N ILE A 165 -27.85 -23.28 -20.73
CA ILE A 165 -27.60 -24.69 -21.03
C ILE A 165 -28.34 -25.63 -20.08
N THR A 166 -29.20 -25.09 -19.21
CA THR A 166 -30.03 -25.91 -18.33
C THR A 166 -31.50 -25.47 -18.47
N ARG A 167 -31.94 -24.51 -17.66
CA ARG A 167 -33.25 -23.92 -17.89
C ARG A 167 -33.21 -22.47 -17.44
N GLU A 168 -34.09 -21.63 -18.02
CA GLU A 168 -34.00 -20.19 -17.73
C GLU A 168 -34.07 -19.89 -16.23
N SER A 169 -34.81 -20.67 -15.46
CA SER A 169 -35.05 -20.38 -14.05
C SER A 169 -34.06 -21.09 -13.12
N LEU A 170 -32.99 -21.68 -13.66
CA LEU A 170 -31.95 -22.24 -12.79
C LEU A 170 -31.54 -21.22 -11.73
N ARG A 171 -31.59 -21.64 -10.47
CA ARG A 171 -31.29 -20.74 -9.36
C ARG A 171 -29.78 -20.66 -9.17
N VAL A 172 -29.22 -19.47 -9.42
CA VAL A 172 -27.79 -19.22 -9.30
C VAL A 172 -27.54 -18.26 -8.14
N LEU A 173 -26.64 -18.64 -7.22
CA LEU A 173 -26.15 -17.74 -6.20
C LEU A 173 -24.79 -17.23 -6.64
N ILE A 174 -24.59 -15.90 -6.62
CA ILE A 174 -23.27 -15.30 -6.84
C ILE A 174 -22.88 -14.68 -5.53
N VAL A 175 -21.79 -15.16 -4.95
CA VAL A 175 -21.23 -14.62 -3.73
C VAL A 175 -19.97 -13.89 -4.12
N ASP A 176 -19.94 -12.62 -3.87
CA ASP A 176 -18.85 -11.77 -4.32
C ASP A 176 -18.07 -11.32 -3.10
N TRP A 177 -16.95 -11.98 -2.83
CA TRP A 177 -16.16 -11.66 -1.65
C TRP A 177 -14.89 -10.89 -1.97
N ASP A 178 -14.69 -10.50 -3.22
CA ASP A 178 -13.75 -9.44 -3.54
C ASP A 178 -14.04 -8.24 -2.63
N VAL A 179 -12.99 -7.50 -2.26
CA VAL A 179 -13.18 -6.46 -1.27
C VAL A 179 -14.00 -5.29 -1.82
N HIS A 180 -14.15 -5.22 -3.13
CA HIS A 180 -14.94 -4.15 -3.74
C HIS A 180 -16.32 -4.67 -4.16
N HIS A 181 -17.27 -3.74 -4.20
CA HIS A 181 -18.63 -4.09 -4.60
C HIS A 181 -18.64 -4.44 -6.08
N GLY A 182 -19.30 -5.54 -6.44
CA GLY A 182 -19.45 -5.81 -7.86
C GLY A 182 -20.62 -5.04 -8.44
N ASN A 183 -20.43 -3.74 -8.72
CA ASN A 183 -21.53 -2.91 -9.18
C ASN A 183 -22.18 -3.49 -10.43
N GLY A 184 -21.35 -4.05 -11.32
CA GLY A 184 -21.89 -4.64 -12.54
C GLY A 184 -22.78 -5.84 -12.29
N THR A 185 -22.34 -6.75 -11.42
CA THR A 185 -23.18 -7.90 -11.14
C THR A 185 -24.50 -7.48 -10.54
N GLN A 186 -24.46 -6.56 -9.56
CA GLN A 186 -25.69 -6.09 -8.94
C GLN A 186 -26.64 -5.51 -9.98
N HIS A 187 -26.13 -4.64 -10.85
CA HIS A 187 -27.03 -4.00 -11.80
C HIS A 187 -27.61 -4.99 -12.81
N ILE A 188 -26.80 -5.93 -13.28
CA ILE A 188 -27.30 -6.88 -14.28
C ILE A 188 -28.47 -7.69 -13.73
N PHE A 189 -28.41 -8.07 -12.46
CA PHE A 189 -29.44 -8.92 -11.89
C PHE A 189 -30.37 -8.21 -10.93
N GLU A 190 -30.36 -6.86 -10.91
CA GLU A 190 -31.06 -6.12 -9.87
CA GLU A 190 -31.06 -6.10 -9.88
C GLU A 190 -32.55 -6.44 -9.84
N GLU A 191 -33.14 -6.79 -10.98
CA GLU A 191 -34.58 -7.07 -11.07
C GLU A 191 -34.86 -8.54 -11.18
N ASP A 192 -33.85 -9.39 -11.00
CA ASP A 192 -33.90 -10.80 -11.31
C ASP A 192 -33.94 -11.60 -10.02
N ASP A 193 -35.00 -12.40 -9.85
CA ASP A 193 -35.10 -13.28 -8.70
C ASP A 193 -34.58 -14.68 -8.97
N SER A 194 -34.09 -14.95 -10.17
CA SER A 194 -33.39 -16.21 -10.46
C SER A 194 -31.91 -16.20 -10.07
N VAL A 195 -31.29 -15.03 -9.92
CA VAL A 195 -29.88 -14.90 -9.58
C VAL A 195 -29.81 -14.04 -8.32
N LEU A 196 -29.48 -14.68 -7.22
CA LEU A 196 -29.25 -14.04 -5.95
C LEU A 196 -27.80 -13.56 -5.89
N TYR A 197 -27.63 -12.25 -5.72
CA TYR A 197 -26.32 -11.61 -5.62
C TYR A 197 -26.08 -11.20 -4.18
N ILE A 198 -25.04 -11.75 -3.57
CA ILE A 198 -24.60 -11.35 -2.24
C ILE A 198 -23.17 -10.84 -2.38
N SER A 199 -22.94 -9.57 -2.03
CA SER A 199 -21.58 -9.03 -2.00
C SER A 199 -21.22 -8.50 -0.62
N LEU A 200 -19.99 -8.77 -0.21
CA LEU A 200 -19.36 -8.16 0.96
C LEU A 200 -18.27 -7.24 0.45
N HIS A 201 -18.17 -6.03 1.02
CA HIS A 201 -17.25 -5.07 0.41
C HIS A 201 -16.96 -3.95 1.38
N ARG A 202 -15.73 -3.45 1.33
CA ARG A 202 -15.42 -2.19 2.00
C ARG A 202 -16.22 -1.05 1.38
N TYR A 203 -16.84 -0.23 2.22
CA TYR A 203 -17.79 0.77 1.72
C TYR A 203 -17.41 2.18 2.12
N GLU A 204 -17.30 2.46 3.41
CA GLU A 204 -16.87 3.78 3.91
C GLU A 204 -17.72 4.91 3.36
N ASP A 205 -19.06 4.73 3.41
CA ASP A 205 -20.03 5.74 2.95
C ASP A 205 -19.69 6.20 1.53
N GLY A 206 -19.33 5.23 0.68
CA GLY A 206 -18.94 5.58 -0.68
C GLY A 206 -17.51 6.04 -0.88
N ALA A 207 -16.67 6.03 0.15
CA ALA A 207 -15.27 6.44 -0.03
C ALA A 207 -14.36 5.30 -0.43
N PHE A 208 -14.90 4.28 -1.08
CA PHE A 208 -14.10 3.16 -1.59
C PHE A 208 -14.62 2.79 -2.97
N PHE A 209 -13.69 2.52 -3.89
CA PHE A 209 -14.10 2.14 -5.24
C PHE A 209 -15.12 1.00 -5.15
N PRO A 210 -16.19 1.02 -5.97
CA PRO A 210 -16.47 1.96 -7.07
C PRO A 210 -17.22 3.24 -6.67
N ASN A 211 -17.20 3.60 -5.37
CA ASN A 211 -17.55 4.95 -4.89
C ASN A 211 -19.02 5.32 -5.09
N SER A 212 -19.92 4.37 -4.88
CA SER A 212 -21.31 4.68 -5.11
C SER A 212 -22.18 4.11 -3.98
N GLU A 213 -23.27 4.82 -3.71
CA GLU A 213 -24.20 4.37 -2.68
C GLU A 213 -25.03 3.19 -3.13
N ASP A 214 -24.91 2.78 -4.40
CA ASP A 214 -25.48 1.51 -4.87
C ASP A 214 -25.01 0.31 -4.05
N ALA A 215 -23.85 0.44 -3.43
CA ALA A 215 -23.28 -0.65 -2.66
C ALA A 215 -23.78 -0.70 -1.23
N ASN A 216 -24.66 0.18 -0.81
CA ASN A 216 -25.04 0.16 0.58
C ASN A 216 -26.09 -0.92 0.84
N TYR A 217 -26.31 -1.22 2.12
CA TYR A 217 -27.14 -2.34 2.55
C TYR A 217 -28.60 -2.17 2.15
N ASP A 218 -29.06 -0.93 1.90
CA ASP A 218 -30.46 -0.68 1.59
C ASP A 218 -30.80 -0.88 0.13
N LYS A 219 -29.83 -1.19 -0.73
CA LYS A 219 -30.13 -1.57 -2.10
C LYS A 219 -30.39 -3.07 -2.07
N VAL A 220 -31.67 -3.43 -2.04
CA VAL A 220 -32.08 -4.81 -1.80
C VAL A 220 -32.63 -5.45 -3.05
N GLY A 221 -32.53 -4.78 -4.19
CA GLY A 221 -33.11 -5.27 -5.42
C GLY A 221 -34.35 -4.48 -5.80
N LEU A 222 -34.82 -4.73 -7.02
CA LEU A 222 -35.89 -3.96 -7.64
C LEU A 222 -36.96 -4.88 -8.22
N GLY A 223 -38.22 -4.46 -8.14
CA GLY A 223 -39.28 -5.25 -8.74
C GLY A 223 -39.36 -6.64 -8.16
N LYS A 224 -39.53 -7.64 -9.02
CA LYS A 224 -39.55 -9.01 -8.51
C LYS A 224 -38.21 -9.43 -7.95
N GLY A 225 -37.16 -8.64 -8.20
CA GLY A 225 -35.82 -8.81 -7.64
C GLY A 225 -35.65 -8.31 -6.23
N ARG A 226 -36.70 -7.74 -5.61
CA ARG A 226 -36.57 -7.25 -4.25
C ARG A 226 -36.34 -8.40 -3.26
N GLY A 227 -35.26 -8.30 -2.50
CA GLY A 227 -34.76 -9.32 -1.64
C GLY A 227 -33.57 -10.10 -2.21
N TYR A 228 -33.36 -10.07 -3.53
CA TYR A 228 -32.37 -10.91 -4.19
C TYR A 228 -31.07 -10.17 -4.48
N ASN A 229 -30.85 -9.05 -3.82
CA ASN A 229 -29.57 -8.36 -3.84
C ASN A 229 -29.20 -8.06 -2.39
N VAL A 230 -28.07 -8.59 -1.93
CA VAL A 230 -27.67 -8.48 -0.52
C VAL A 230 -26.29 -7.87 -0.48
N ASN A 231 -26.22 -6.59 -0.06
CA ASN A 231 -24.95 -5.88 0.12
C ASN A 231 -24.58 -5.87 1.59
N ILE A 232 -23.37 -6.36 1.89
CA ILE A 232 -22.87 -6.30 3.27
C ILE A 232 -21.70 -5.31 3.32
N PRO A 233 -21.96 -4.01 3.62
CA PRO A 233 -20.91 -2.99 3.50
C PRO A 233 -20.13 -2.77 4.77
N TRP A 234 -18.81 -2.70 4.66
CA TRP A 234 -17.96 -2.50 5.83
C TRP A 234 -17.58 -1.04 5.91
N ASN A 235 -17.52 -0.52 7.14
CA ASN A 235 -17.28 0.91 7.29
C ASN A 235 -16.09 1.18 8.21
N GLY A 236 -15.14 0.27 8.30
CA GLY A 236 -13.97 0.55 9.12
C GLY A 236 -12.64 0.35 8.43
N GLY A 237 -12.25 -0.91 8.25
CA GLY A 237 -10.89 -1.20 7.90
C GLY A 237 -10.41 -2.31 8.80
N LYS A 238 -9.34 -2.99 8.38
CA LYS A 238 -8.78 -4.12 9.11
C LYS A 238 -9.85 -5.17 9.44
N MET A 239 -10.92 -5.21 8.63
CA MET A 239 -11.84 -6.34 8.71
C MET A 239 -11.08 -7.60 8.34
N GLY A 240 -11.47 -8.71 8.95
CA GLY A 240 -10.76 -9.95 8.79
C GLY A 240 -11.61 -11.18 8.99
N ASP A 241 -10.97 -12.30 9.33
CA ASP A 241 -11.70 -13.56 9.48
C ASP A 241 -12.92 -13.47 10.40
N PRO A 242 -12.84 -12.85 11.61
CA PRO A 242 -14.01 -12.84 12.49
C PRO A 242 -15.23 -12.20 11.84
N GLU A 243 -15.03 -11.07 11.17
CA GLU A 243 -16.14 -10.36 10.56
C GLU A 243 -16.70 -11.13 9.38
N TYR A 244 -15.84 -11.74 8.56
CA TYR A 244 -16.36 -12.48 7.41
C TYR A 244 -17.07 -13.75 7.88
N MET A 245 -16.53 -14.42 8.89
CA MET A 245 -17.21 -15.59 9.43
C MET A 245 -18.59 -15.21 9.99
N ALA A 246 -18.67 -14.07 10.69
CA ALA A 246 -19.95 -13.69 11.28
C ALA A 246 -20.95 -13.30 10.21
N ALA A 247 -20.50 -12.58 9.17
CA ALA A 247 -21.42 -12.22 8.10
C ALA A 247 -21.95 -13.47 7.41
N PHE A 248 -21.10 -14.49 7.22
CA PHE A 248 -21.57 -15.73 6.63
C PHE A 248 -22.56 -16.42 7.56
N HIS A 249 -22.29 -16.44 8.86
CA HIS A 249 -23.17 -17.15 9.79
C HIS A 249 -24.55 -16.51 9.84
N HIS A 250 -24.60 -15.17 9.95
CA HIS A 250 -25.88 -14.49 10.17
C HIS A 250 -26.63 -14.13 8.90
N LEU A 251 -25.93 -14.01 7.76
CA LEU A 251 -26.51 -13.44 6.57
C LEU A 251 -26.34 -14.34 5.35
N VAL A 252 -25.09 -14.59 4.95
CA VAL A 252 -24.86 -15.25 3.67
C VAL A 252 -25.44 -16.64 3.64
N MET A 253 -25.12 -17.46 4.65
CA MET A 253 -25.56 -18.85 4.60
C MET A 253 -27.05 -18.99 4.88
N PRO A 254 -27.62 -18.24 5.83
CA PRO A 254 -29.09 -18.35 6.00
C PRO A 254 -29.84 -17.95 4.76
N ILE A 255 -29.46 -16.84 4.12
CA ILE A 255 -30.21 -16.43 2.94
C ILE A 255 -29.97 -17.41 1.78
N ALA A 256 -28.73 -17.88 1.63
CA ALA A 256 -28.44 -18.85 0.57
C ALA A 256 -29.26 -20.11 0.77
N ARG A 257 -29.36 -20.60 2.00
CA ARG A 257 -30.13 -21.81 2.23
C ARG A 257 -31.60 -21.61 1.89
N GLU A 258 -32.14 -20.43 2.20
CA GLU A 258 -33.54 -20.17 1.92
C GLU A 258 -33.77 -20.04 0.42
N PHE A 259 -32.80 -19.48 -0.29
CA PHE A 259 -32.88 -19.37 -1.74
C PHE A 259 -32.75 -20.72 -2.41
N ALA A 260 -31.91 -21.61 -1.84
CA ALA A 260 -31.65 -22.98 -2.29
C ALA A 260 -31.07 -22.97 -3.70
N PRO A 261 -29.91 -22.36 -3.91
CA PRO A 261 -29.36 -22.28 -5.28
C PRO A 261 -29.04 -23.66 -5.83
N GLU A 262 -29.05 -23.76 -7.16
CA GLU A 262 -28.64 -24.98 -7.84
C GLU A 262 -27.22 -24.90 -8.34
N LEU A 263 -26.66 -23.70 -8.39
CA LEU A 263 -25.26 -23.49 -8.75
C LEU A 263 -24.78 -22.27 -7.96
N VAL A 264 -23.56 -22.36 -7.42
CA VAL A 264 -22.94 -21.26 -6.68
C VAL A 264 -21.73 -20.78 -7.46
N LEU A 265 -21.74 -19.51 -7.84
CA LEU A 265 -20.57 -18.86 -8.42
C LEU A 265 -19.95 -17.94 -7.38
N VAL A 266 -18.63 -17.96 -7.26
CA VAL A 266 -17.94 -17.05 -6.34
C VAL A 266 -17.11 -16.08 -7.16
N SER A 267 -17.47 -14.79 -7.06
CA SER A 267 -16.60 -13.73 -7.52
C SER A 267 -15.55 -13.62 -6.44
N ALA A 268 -14.47 -14.35 -6.66
CA ALA A 268 -13.46 -14.59 -5.65
C ALA A 268 -12.25 -13.70 -5.92
N GLY A 269 -12.43 -12.41 -5.65
CA GLY A 269 -11.29 -11.56 -5.47
C GLY A 269 -10.58 -11.90 -4.17
N PHE A 270 -9.26 -11.69 -4.16
CA PHE A 270 -8.52 -11.94 -2.93
C PHE A 270 -7.85 -10.66 -2.45
N ASP A 271 -8.51 -9.52 -2.72
CA ASP A 271 -7.98 -8.23 -2.27
C ASP A 271 -8.48 -7.84 -0.88
N ALA A 272 -9.26 -8.68 -0.20
CA ALA A 272 -9.44 -8.54 1.23
C ALA A 272 -8.37 -9.29 2.03
N ALA A 273 -7.35 -9.85 1.37
CA ALA A 273 -6.30 -10.58 2.07
C ALA A 273 -5.23 -9.63 2.65
N ARG A 274 -4.47 -10.13 3.62
CA ARG A 274 -3.42 -9.31 4.23
C ARG A 274 -2.44 -8.81 3.18
N GLY A 275 -1.94 -7.59 3.39
CA GLY A 275 -0.89 -7.05 2.54
C GLY A 275 -1.33 -6.58 1.17
N ASP A 276 -2.61 -6.23 1.00
CA ASP A 276 -3.09 -5.73 -0.28
C ASP A 276 -3.36 -4.24 -0.21
N PRO A 277 -2.60 -3.42 -0.95
CA PRO A 277 -2.82 -1.97 -0.89
C PRO A 277 -4.18 -1.53 -1.42
N LEU A 278 -4.86 -2.35 -2.21
CA LEU A 278 -6.20 -2.02 -2.68
C LEU A 278 -7.29 -2.60 -1.78
N GLY A 279 -6.94 -3.11 -0.61
CA GLY A 279 -8.00 -3.65 0.22
C GLY A 279 -7.95 -3.11 1.63
N GLY A 280 -6.81 -3.29 2.27
CA GLY A 280 -6.66 -2.82 3.63
C GLY A 280 -7.24 -3.75 4.67
N PHE A 281 -7.69 -4.94 4.26
CA PHE A 281 -8.27 -5.94 5.14
C PHE A 281 -7.24 -7.05 5.43
N GLN A 282 -7.65 -8.06 6.20
CA GLN A 282 -6.72 -9.08 6.68
C GLN A 282 -7.40 -10.46 6.78
N VAL A 283 -8.27 -10.79 5.81
CA VAL A 283 -8.79 -12.15 5.72
C VAL A 283 -7.62 -13.09 5.42
N THR A 284 -7.51 -14.19 6.18
CA THR A 284 -6.39 -15.11 6.04
C THR A 284 -6.73 -16.21 5.04
N PRO A 285 -5.73 -16.90 4.48
CA PRO A 285 -6.04 -18.08 3.64
C PRO A 285 -6.96 -19.07 4.34
N GLU A 286 -6.75 -19.27 5.64
CA GLU A 286 -7.62 -20.15 6.41
C GLU A 286 -9.03 -19.58 6.45
N GLY A 287 -9.16 -18.26 6.53
CA GLY A 287 -10.48 -17.65 6.45
C GLY A 287 -11.17 -17.98 5.14
N TYR A 288 -10.47 -17.80 4.01
CA TYR A 288 -11.04 -18.10 2.70
C TYR A 288 -11.39 -19.57 2.59
N ALA A 289 -10.56 -20.46 3.16
CA ALA A 289 -10.91 -21.86 3.19
C ALA A 289 -12.25 -22.08 3.87
N HIS A 290 -12.46 -21.43 5.01
CA HIS A 290 -13.71 -21.68 5.74
C HIS A 290 -14.90 -21.13 4.99
N LEU A 291 -14.75 -19.98 4.33
CA LEU A 291 -15.84 -19.48 3.51
C LEU A 291 -16.12 -20.43 2.36
N THR A 292 -15.08 -20.94 1.70
CA THR A 292 -15.30 -21.87 0.60
C THR A 292 -16.03 -23.11 1.08
N HIS A 293 -15.60 -23.65 2.22
CA HIS A 293 -16.18 -24.88 2.74
C HIS A 293 -17.64 -24.70 3.13
N GLN A 294 -17.99 -23.52 3.67
CA GLN A 294 -19.39 -23.25 3.97
C GLN A 294 -20.21 -23.24 2.68
N LEU A 295 -19.68 -22.64 1.63
CA LEU A 295 -20.43 -22.58 0.39
C LEU A 295 -20.59 -23.94 -0.25
N MET A 296 -19.65 -24.88 -0.01
CA MET A 296 -19.77 -26.23 -0.56
C MET A 296 -20.97 -26.98 0.01
N SER A 297 -21.50 -26.54 1.15
CA SER A 297 -22.72 -27.08 1.74
C SER A 297 -23.97 -26.80 0.91
N LEU A 298 -23.88 -25.93 -0.10
CA LEU A 298 -25.00 -25.52 -0.94
C LEU A 298 -24.97 -26.22 -2.30
N ALA A 299 -26.14 -26.30 -2.94
CA ALA A 299 -26.27 -26.62 -4.35
C ALA A 299 -25.66 -27.97 -4.71
N ALA A 300 -25.74 -28.94 -3.79
CA ALA A 300 -25.12 -30.26 -3.98
C ALA A 300 -23.64 -30.14 -4.31
N GLY A 301 -23.00 -29.09 -3.77
CA GLY A 301 -21.59 -28.86 -3.96
C GLY A 301 -21.21 -28.20 -5.25
N ARG A 302 -22.17 -27.75 -6.05
CA ARG A 302 -21.88 -27.21 -7.37
C ARG A 302 -21.40 -25.78 -7.19
N VAL A 303 -20.08 -25.65 -7.02
CA VAL A 303 -19.44 -24.38 -6.71
C VAL A 303 -18.34 -24.12 -7.73
N LEU A 304 -18.33 -22.92 -8.30
CA LEU A 304 -17.27 -22.47 -9.21
C LEU A 304 -16.61 -21.22 -8.64
N ILE A 305 -15.30 -21.29 -8.42
CA ILE A 305 -14.53 -20.19 -7.81
C ILE A 305 -13.85 -19.40 -8.92
N ILE A 306 -14.19 -18.12 -9.06
CA ILE A 306 -13.75 -17.27 -10.19
C ILE A 306 -12.88 -16.14 -9.66
N LEU A 307 -11.60 -16.12 -10.06
CA LEU A 307 -10.73 -15.02 -9.62
C LEU A 307 -11.27 -13.69 -10.13
N GLU A 308 -11.36 -12.72 -9.21
CA GLU A 308 -11.62 -11.33 -9.59
C GLU A 308 -10.35 -10.56 -9.30
N GLY A 309 -10.38 -9.67 -8.29
CA GLY A 309 -9.22 -8.91 -7.89
C GLY A 309 -8.32 -9.64 -6.92
N GLY A 310 -7.44 -8.88 -6.29
CA GLY A 310 -6.45 -9.45 -5.39
C GLY A 310 -5.08 -9.20 -5.99
N TYR A 311 -4.24 -8.45 -5.28
CA TYR A 311 -3.04 -7.89 -5.92
C TYR A 311 -1.74 -8.15 -5.20
N ASN A 312 -1.74 -8.75 -4.02
CA ASN A 312 -0.49 -9.17 -3.39
C ASN A 312 -0.23 -10.60 -3.90
N LEU A 313 0.83 -10.77 -4.71
CA LEU A 313 1.00 -12.03 -5.43
C LEU A 313 1.08 -13.21 -4.49
N THR A 314 1.77 -13.05 -3.35
CA THR A 314 1.85 -14.15 -2.40
C THR A 314 0.51 -14.37 -1.70
N SER A 315 -0.22 -13.30 -1.35
CA SER A 315 -1.48 -13.47 -0.64
C SER A 315 -2.50 -14.16 -1.53
N ILE A 316 -2.62 -13.75 -2.80
CA ILE A 316 -3.64 -14.37 -3.66
C ILE A 316 -3.24 -15.79 -3.99
N SER A 317 -1.95 -16.08 -4.07
CA SER A 317 -1.56 -17.43 -4.38
C SER A 317 -1.81 -18.37 -3.21
N GLU A 318 -1.57 -17.90 -1.98
CA GLU A 318 -1.86 -18.76 -0.83
C GLU A 318 -3.36 -18.91 -0.62
N SER A 319 -4.10 -17.81 -0.80
CA SER A 319 -5.51 -17.82 -0.48
C SER A 319 -6.32 -18.59 -1.52
N MET A 320 -6.05 -18.36 -2.80
CA MET A 320 -6.81 -19.12 -3.78
C MET A 320 -6.44 -20.60 -3.72
N SER A 321 -5.18 -20.92 -3.42
CA SER A 321 -4.83 -22.33 -3.28
C SER A 321 -5.59 -22.98 -2.14
N MET A 322 -5.78 -22.26 -1.04
CA MET A 322 -6.55 -22.84 0.07
C MET A 322 -8.00 -23.08 -0.33
N CYS A 323 -8.55 -22.26 -1.23
CA CYS A 323 -9.92 -22.52 -1.67
C CYS A 323 -9.99 -23.80 -2.49
N THR A 324 -8.99 -24.02 -3.35
CA THR A 324 -8.94 -25.24 -4.15
C THR A 324 -8.80 -26.47 -3.27
N SER A 325 -7.94 -26.38 -2.26
CA SER A 325 -7.86 -27.41 -1.24
C SER A 325 -9.21 -27.74 -0.63
N MET A 326 -10.03 -26.72 -0.35
CA MET A 326 -11.33 -27.04 0.21
C MET A 326 -12.21 -27.75 -0.81
N LEU A 327 -12.23 -27.27 -2.05
CA LEU A 327 -13.01 -27.89 -3.10
C LEU A 327 -12.63 -29.35 -3.28
N LEU A 328 -11.34 -29.67 -3.15
CA LEU A 328 -10.85 -31.03 -3.30
C LEU A 328 -11.22 -31.93 -2.14
N GLY A 329 -11.81 -31.38 -1.09
CA GLY A 329 -12.28 -32.18 0.04
C GLY A 329 -11.36 -32.21 1.25
N ASP A 330 -10.28 -31.44 1.25
CA ASP A 330 -9.39 -31.40 2.40
C ASP A 330 -10.09 -30.79 3.62
N SER A 331 -9.68 -31.22 4.82
CA SER A 331 -10.34 -30.75 6.01
C SER A 331 -10.04 -29.27 6.23
N PRO A 332 -11.03 -28.47 6.62
CA PRO A 332 -10.82 -27.03 6.82
C PRO A 332 -9.81 -26.81 7.93
N PRO A 333 -8.88 -25.87 7.74
CA PRO A 333 -7.82 -25.66 8.73
C PRO A 333 -8.36 -25.07 10.02
N SER A 334 -7.52 -25.10 11.03
CA SER A 334 -7.92 -24.50 12.30
C SER A 334 -8.03 -22.99 12.12
N LEU A 335 -9.17 -22.46 12.53
CA LEU A 335 -9.47 -21.03 12.47
C LEU A 335 -9.88 -20.57 13.86
N ASP A 336 -9.37 -19.41 14.27
CA ASP A 336 -9.84 -18.82 15.51
C ASP A 336 -11.31 -18.41 15.39
N HIS A 337 -12.11 -18.77 16.41
CA HIS A 337 -13.51 -18.40 16.45
C HIS A 337 -13.84 -17.50 17.63
N LEU A 338 -12.83 -16.97 18.35
CA LEU A 338 -13.07 -16.31 19.61
C LEU A 338 -12.76 -14.81 19.61
N THR A 339 -12.01 -14.31 18.63
CA THR A 339 -11.67 -12.88 18.61
C THR A 339 -12.94 -12.05 18.42
N PRO A 340 -13.15 -11.01 19.24
CA PRO A 340 -14.37 -10.20 19.09
C PRO A 340 -14.35 -9.40 17.79
N LEU A 341 -15.53 -9.15 17.25
CA LEU A 341 -15.64 -8.39 16.02
C LEU A 341 -15.26 -6.94 16.23
N LYS A 342 -14.78 -6.31 15.16
CA LYS A 342 -14.71 -4.86 15.15
C LYS A 342 -16.12 -4.30 15.33
N THR A 343 -16.22 -3.17 16.02
CA THR A 343 -17.52 -2.64 16.42
C THR A 343 -18.41 -2.36 15.21
N SER A 344 -17.89 -1.60 14.25
CA SER A 344 -18.59 -1.32 12.99
C SER A 344 -19.14 -2.58 12.30
N ALA A 345 -18.44 -3.71 12.39
CA ALA A 345 -18.94 -4.90 11.67
C ALA A 345 -20.26 -5.40 12.25
N THR A 346 -20.41 -5.37 13.58
CA THR A 346 -21.71 -5.68 14.18
C THR A 346 -22.81 -4.74 13.66
N VAL A 347 -22.50 -3.46 13.50
CA VAL A 347 -23.48 -2.51 12.97
C VAL A 347 -23.83 -2.85 11.52
N SER A 348 -22.83 -3.18 10.70
CA SER A 348 -23.11 -3.54 9.32
C SER A 348 -24.04 -4.75 9.22
N ILE A 349 -23.70 -5.80 9.96
CA ILE A 349 -24.50 -7.02 9.91
C ILE A 349 -25.91 -6.75 10.38
N ASN A 350 -26.05 -5.97 11.45
CA ASN A 350 -27.36 -5.61 11.97
C ASN A 350 -28.16 -4.83 10.94
N ASN A 351 -27.52 -3.90 10.24
CA ASN A 351 -28.22 -3.13 9.22
C ASN A 351 -28.71 -4.01 8.09
N VAL A 352 -27.89 -4.95 7.61
CA VAL A 352 -28.33 -5.83 6.53
C VAL A 352 -29.47 -6.72 6.99
N LEU A 353 -29.39 -7.24 8.23
CA LEU A 353 -30.46 -8.09 8.76
C LEU A 353 -31.78 -7.34 8.78
N ARG A 354 -31.76 -6.10 9.27
CA ARG A 354 -33.00 -5.32 9.32
C ARG A 354 -33.54 -5.04 7.92
N ALA A 355 -32.66 -4.76 6.96
CA ALA A 355 -33.10 -4.45 5.60
C ALA A 355 -33.65 -5.68 4.90
N HIS A 356 -33.16 -6.85 5.25
CA HIS A 356 -33.56 -8.06 4.54
C HIS A 356 -34.57 -8.91 5.31
N ALA A 357 -34.91 -8.51 6.53
CA ALA A 357 -36.00 -9.18 7.26
C ALA A 357 -37.30 -9.35 6.47
N PRO A 358 -37.76 -8.37 5.68
CA PRO A 358 -39.01 -8.60 4.94
C PRO A 358 -38.94 -9.76 3.97
N PHE A 359 -37.76 -10.06 3.42
CA PHE A 359 -37.63 -10.94 2.26
C PHE A 359 -37.22 -12.36 2.61
N TRP A 360 -36.60 -12.56 3.77
CA TRP A 360 -36.00 -13.83 4.13
C TRP A 360 -36.48 -14.21 5.53
N SER A 361 -37.49 -15.09 5.56
CA SER A 361 -38.18 -15.47 6.79
C SER A 361 -37.25 -16.14 7.81
N SER A 362 -36.15 -16.75 7.34
CA SER A 362 -35.27 -17.43 8.27
C SER A 362 -34.30 -16.49 8.96
N LEU A 363 -34.23 -15.23 8.56
CA LEU A 363 -33.30 -14.32 9.23
C LEU A 363 -33.76 -14.01 10.64
N ARG A 364 -32.80 -13.82 11.53
CA ARG A 364 -33.09 -13.60 12.94
C ARG A 364 -32.43 -12.32 13.44
N SER B 7 17.84 40.66 4.87
CA SER B 7 18.27 39.58 3.98
C SER B 7 18.55 38.32 4.82
N PRO B 8 17.77 37.27 4.59
CA PRO B 8 17.89 36.06 5.42
C PRO B 8 19.22 35.33 5.21
N ILE B 9 19.72 34.72 6.29
CA ILE B 9 21.00 34.02 6.31
C ILE B 9 20.77 32.51 6.39
N THR B 10 21.54 31.75 5.62
CA THR B 10 21.54 30.29 5.70
C THR B 10 22.78 29.82 6.43
N GLY B 11 22.59 28.98 7.42
CA GLY B 11 23.69 28.37 8.12
C GLY B 11 24.08 27.06 7.48
N LEU B 12 25.36 26.69 7.63
CA LEU B 12 25.85 25.38 7.20
C LEU B 12 26.77 24.86 8.29
N VAL B 13 26.60 23.60 8.67
CA VAL B 13 27.52 22.95 9.58
C VAL B 13 28.11 21.73 8.89
N TYR B 14 29.44 21.63 8.97
CA TYR B 14 30.18 20.50 8.43
C TYR B 14 31.48 20.41 9.19
N ASP B 15 31.86 19.20 9.59
CA ASP B 15 33.11 19.00 10.30
C ASP B 15 33.72 17.69 9.80
N GLN B 16 34.94 17.74 9.27
CA GLN B 16 35.58 16.56 8.68
C GLN B 16 35.82 15.46 9.71
N ARG B 17 35.79 15.78 11.00
CA ARG B 17 35.96 14.72 11.99
C ARG B 17 34.88 13.64 11.86
N MET B 18 33.69 14.00 11.39
CA MET B 18 32.69 12.95 11.23
C MET B 18 33.09 11.92 10.17
N MET B 19 34.20 12.12 9.45
CA MET B 19 34.66 11.09 8.52
C MET B 19 35.32 9.93 9.22
N LEU B 20 35.67 10.08 10.49
CA LEU B 20 36.47 9.07 11.14
C LEU B 20 35.69 7.78 11.37
N HIS B 21 34.36 7.86 11.49
CA HIS B 21 33.53 6.68 11.57
C HIS B 21 33.67 5.85 10.30
N HIS B 22 34.13 4.60 10.44
CA HIS B 22 34.39 3.82 9.23
C HIS B 22 34.12 2.35 9.52
N ASN B 23 34.02 1.58 8.43
CA ASN B 23 33.80 0.14 8.48
C ASN B 23 35.16 -0.56 8.32
N MET B 24 35.63 -1.19 9.39
CA MET B 24 36.95 -1.81 9.40
C MET B 24 37.03 -3.12 8.63
N TRP B 25 35.90 -3.70 8.25
CA TRP B 25 35.88 -5.00 7.60
C TRP B 25 35.45 -4.95 6.15
N ASP B 26 34.90 -3.82 5.70
CA ASP B 26 34.58 -3.61 4.29
C ASP B 26 34.73 -2.12 4.03
N SER B 27 35.90 -1.72 3.54
CA SER B 27 36.16 -0.32 3.27
C SER B 27 35.24 0.24 2.17
N HIS B 28 34.48 -0.62 1.50
CA HIS B 28 33.57 -0.18 0.43
C HIS B 28 32.12 -0.16 0.85
N HIS B 29 31.83 -0.39 2.14
CA HIS B 29 30.46 -0.31 2.63
C HIS B 29 29.86 1.04 2.22
N PRO B 30 28.63 1.07 1.68
CA PRO B 30 28.11 2.32 1.08
C PRO B 30 28.01 3.51 2.02
N GLU B 31 27.90 3.31 3.35
CA GLU B 31 27.84 4.44 4.30
C GLU B 31 29.26 4.94 4.53
N LEU B 32 29.79 5.61 3.52
CA LEU B 32 31.23 5.91 3.43
C LEU B 32 31.57 7.25 4.07
N PRO B 33 32.75 7.37 4.69
CA PRO B 33 33.23 8.70 5.10
C PRO B 33 33.15 9.71 3.97
N GLN B 34 33.42 9.31 2.73
CA GLN B 34 33.44 10.26 1.62
C GLN B 34 32.06 10.79 1.23
N ARG B 35 30.99 10.25 1.82
CA ARG B 35 29.68 10.86 1.59
C ARG B 35 29.69 12.34 1.94
N ILE B 36 30.18 12.69 3.13
CA ILE B 36 30.06 14.08 3.57
C ILE B 36 31.14 14.94 2.94
N SER B 37 32.35 14.41 2.74
CA SER B 37 33.38 15.21 2.11
C SER B 37 33.03 15.53 0.66
N ARG B 38 32.42 14.59 -0.06
CA ARG B 38 31.98 14.88 -1.41
C ARG B 38 30.86 15.93 -1.41
N ILE B 39 29.88 15.80 -0.50
CA ILE B 39 28.82 16.83 -0.45
C ILE B 39 29.43 18.19 -0.17
N PHE B 40 30.34 18.25 0.79
CA PHE B 40 31.01 19.51 1.13
C PHE B 40 31.78 20.08 -0.06
N SER B 41 32.60 19.26 -0.74
CA SER B 41 33.35 19.85 -1.86
C SER B 41 32.43 20.37 -2.94
N ARG B 42 31.28 19.75 -3.15
CA ARG B 42 30.35 20.25 -4.17
C ARG B 42 29.76 21.58 -3.75
N HIS B 43 29.51 21.76 -2.45
CA HIS B 43 29.06 23.05 -1.94
C HIS B 43 30.11 24.12 -2.17
N GLU B 44 31.38 23.74 -2.06
CA GLU B 44 32.47 24.67 -2.38
C GLU B 44 32.51 24.95 -3.88
N GLU B 45 32.44 23.90 -4.71
CA GLU B 45 32.57 24.06 -6.14
C GLU B 45 31.48 24.94 -6.70
N LEU B 46 30.25 24.75 -6.21
CA LEU B 46 29.08 25.51 -6.63
C LEU B 46 28.99 26.88 -5.98
N ARG B 47 29.98 27.25 -5.16
CA ARG B 47 30.03 28.55 -4.52
C ARG B 47 28.81 28.77 -3.64
N LEU B 48 28.35 27.70 -3.00
CA LEU B 48 27.24 27.75 -2.05
C LEU B 48 27.75 27.95 -0.63
N LEU B 49 28.89 27.34 -0.30
CA LEU B 49 29.41 27.43 1.05
C LEU B 49 29.74 28.86 1.44
N SER B 50 30.38 29.59 0.54
CA SER B 50 30.74 30.99 0.80
C SER B 50 29.53 31.86 1.10
N ARG B 51 28.35 31.47 0.61
CA ARG B 51 27.14 32.26 0.82
C ARG B 51 26.49 31.98 2.15
N CYS B 52 26.97 30.99 2.89
CA CYS B 52 26.33 30.56 4.12
C CYS B 52 27.07 31.09 5.33
N HIS B 53 26.35 31.19 6.44
CA HIS B 53 26.98 31.44 7.74
C HIS B 53 27.43 30.11 8.31
N ARG B 54 28.74 29.97 8.56
CA ARG B 54 29.28 28.69 8.99
C ARG B 54 29.01 28.48 10.48
N ILE B 55 28.26 27.43 10.81
CA ILE B 55 27.90 27.13 12.20
C ILE B 55 28.89 26.07 12.70
N PRO B 56 29.50 26.26 13.86
CA PRO B 56 30.46 25.26 14.34
C PRO B 56 29.79 23.97 14.74
N ALA B 57 30.53 22.88 14.58
CA ALA B 57 30.09 21.60 15.12
C ALA B 57 30.38 21.55 16.61
N ARG B 58 29.65 20.69 17.32
CA ARG B 58 30.00 20.36 18.69
C ARG B 58 29.55 18.95 19.02
N LEU B 59 30.07 18.43 20.13
CA LEU B 59 29.58 17.17 20.66
C LEU B 59 28.25 17.38 21.36
N ALA B 60 27.29 16.50 21.08
CA ALA B 60 26.18 16.40 22.01
C ALA B 60 26.70 15.89 23.34
N THR B 61 26.03 16.31 24.43
CA THR B 61 26.34 15.77 25.75
C THR B 61 25.55 14.49 26.02
N GLU B 62 26.01 13.74 27.02
CA GLU B 62 25.25 12.56 27.42
C GLU B 62 23.86 12.94 27.92
N GLU B 63 23.75 14.08 28.59
CA GLU B 63 22.45 14.54 29.06
C GLU B 63 21.51 14.82 27.89
N GLU B 64 22.03 15.42 26.82
CA GLU B 64 21.21 15.67 25.64
C GLU B 64 20.79 14.36 24.98
N LEU B 65 21.69 13.38 24.92
CA LEU B 65 21.31 12.07 24.38
C LEU B 65 20.14 11.48 25.16
N ALA B 66 20.10 11.72 26.48
CA ALA B 66 18.98 11.18 27.26
C ALA B 66 17.65 11.84 26.95
N LEU B 67 17.63 12.90 26.15
CA LEU B 67 16.34 13.42 25.72
C LEU B 67 15.53 12.38 24.98
N CYS B 68 16.21 11.46 24.28
CA CYS B 68 15.56 10.44 23.47
C CYS B 68 16.00 9.02 23.75
N HIS B 69 17.18 8.80 24.33
CA HIS B 69 17.76 7.46 24.44
C HIS B 69 17.94 7.04 25.89
N SER B 70 17.71 5.74 26.13
CA SER B 70 17.94 5.09 27.41
C SER B 70 19.38 5.23 27.91
N SER B 71 19.51 5.30 29.24
CA SER B 71 20.82 5.23 29.87
C SER B 71 21.63 4.03 29.36
N LYS B 72 21.00 2.86 29.24
CA LYS B 72 21.72 1.65 28.83
C LYS B 72 22.24 1.76 27.41
N HIS B 73 21.44 2.30 26.49
CA HIS B 73 21.90 2.43 25.11
C HIS B 73 23.06 3.41 25.00
N ILE B 74 22.97 4.55 25.70
CA ILE B 74 24.05 5.52 25.72
C ILE B 74 25.34 4.89 26.25
N SER B 75 25.26 4.15 27.35
CA SER B 75 26.46 3.58 27.94
C SER B 75 27.13 2.58 27.00
N ILE B 76 26.34 1.70 26.37
CA ILE B 76 26.92 0.66 25.53
C ILE B 76 27.66 1.29 24.35
N ILE B 77 27.02 2.27 23.69
CA ILE B 77 27.68 2.89 22.56
C ILE B 77 28.89 3.71 23.00
N LYS B 78 28.77 4.44 24.11
CA LYS B 78 29.92 5.17 24.63
C LYS B 78 31.10 4.22 24.87
N SER B 79 30.83 3.03 25.40
CA SER B 79 31.90 2.08 25.69
C SER B 79 32.60 1.60 24.43
N SER B 80 31.95 1.67 23.27
CA SER B 80 32.57 1.25 22.02
C SER B 80 33.86 2.02 21.73
N GLU B 81 34.00 3.24 22.27
CA GLU B 81 35.17 4.04 21.96
C GLU B 81 36.47 3.33 22.36
N HIS B 82 36.41 2.46 23.36
CA HIS B 82 37.61 1.86 23.92
C HIS B 82 37.71 0.36 23.66
N MET B 83 36.91 -0.17 22.73
CA MET B 83 36.88 -1.59 22.46
C MET B 83 37.94 -2.00 21.45
N LYS B 84 38.44 -3.21 21.61
CA LYS B 84 39.31 -3.81 20.63
C LYS B 84 38.52 -4.07 19.35
N PRO B 85 39.21 -4.17 18.21
CA PRO B 85 38.50 -4.38 16.93
C PRO B 85 37.54 -5.56 16.92
N ARG B 86 37.95 -6.74 17.40
CA ARG B 86 37.03 -7.88 17.30
C ARG B 86 35.82 -7.69 18.20
N ASP B 87 35.99 -7.04 19.35
CA ASP B 87 34.82 -6.75 20.17
C ASP B 87 33.91 -5.72 19.52
N LEU B 88 34.48 -4.76 18.78
CA LEU B 88 33.65 -3.87 17.99
C LEU B 88 32.84 -4.66 16.96
N ASN B 89 33.46 -5.67 16.34
CA ASN B 89 32.71 -6.52 15.41
C ASN B 89 31.57 -7.26 16.11
N ARG B 90 31.81 -7.79 17.32
CA ARG B 90 30.75 -8.50 18.03
C ARG B 90 29.62 -7.56 18.40
N LEU B 91 29.96 -6.39 18.95
CA LEU B 91 28.93 -5.46 19.37
C LEU B 91 28.08 -5.03 18.18
N GLY B 92 28.73 -4.72 17.06
CA GLY B 92 27.98 -4.29 15.88
C GLY B 92 27.01 -5.36 15.41
N ASP B 93 27.40 -6.63 15.52
CA ASP B 93 26.52 -7.72 15.10
C ASP B 93 25.33 -7.88 16.01
N GLU B 94 25.32 -7.26 17.19
CA GLU B 94 24.15 -7.35 18.04
C GLU B 94 23.00 -6.50 17.50
N TYR B 95 23.27 -5.59 16.58
CA TYR B 95 22.25 -4.73 15.99
C TYR B 95 21.96 -5.17 14.56
N ASN B 96 20.90 -4.61 14.02
CA ASN B 96 20.53 -4.79 12.62
C ASN B 96 21.29 -3.77 11.79
N SER B 97 22.24 -4.25 10.97
CA SER B 97 22.97 -3.42 10.01
C SER B 97 23.67 -2.23 10.67
N ILE B 98 24.62 -2.55 11.56
CA ILE B 98 25.47 -1.56 12.22
C ILE B 98 26.91 -2.03 12.10
N PHE B 99 27.81 -1.14 11.69
CA PHE B 99 29.24 -1.34 11.86
C PHE B 99 29.76 -0.25 12.79
N ILE B 100 30.78 -0.58 13.58
CA ILE B 100 31.28 0.34 14.60
C ILE B 100 32.81 0.41 14.52
N SER B 101 33.36 1.62 14.59
CA SER B 101 34.79 1.80 14.79
C SER B 101 34.99 2.54 16.12
N ASN B 102 36.25 2.66 16.55
CA ASN B 102 36.56 3.36 17.79
C ASN B 102 36.09 4.80 17.79
N GLU B 103 35.95 5.41 16.62
CA GLU B 103 35.53 6.79 16.48
C GLU B 103 34.01 6.94 16.31
N SER B 104 33.24 5.83 16.23
CA SER B 104 31.83 5.96 15.86
C SER B 104 31.04 6.76 16.88
N TYR B 105 31.28 6.51 18.17
CA TYR B 105 30.54 7.23 19.20
C TYR B 105 30.77 8.73 19.08
N THR B 106 32.04 9.16 19.00
CA THR B 106 32.35 10.58 18.87
C THR B 106 31.71 11.17 17.62
N CYS B 107 31.71 10.43 16.52
CA CYS B 107 31.10 10.97 15.31
C CYS B 107 29.60 11.16 15.47
N ALA B 108 28.95 10.20 16.11
CA ALA B 108 27.51 10.30 16.34
C ALA B 108 27.20 11.45 17.27
N LEU B 109 28.09 11.71 18.25
CA LEU B 109 27.94 12.88 19.11
C LEU B 109 28.05 14.17 18.32
N LEU B 110 29.00 14.22 17.38
CA LEU B 110 29.19 15.41 16.57
C LEU B 110 28.03 15.61 15.62
N ALA B 111 27.50 14.54 15.03
CA ALA B 111 26.35 14.72 14.17
C ALA B 111 25.21 15.38 14.95
N ALA B 112 24.96 14.93 16.17
CA ALA B 112 23.84 15.46 16.95
C ALA B 112 24.11 16.88 17.42
N GLY B 113 25.31 17.14 17.96
CA GLY B 113 25.65 18.47 18.43
C GLY B 113 25.71 19.51 17.31
N SER B 114 26.13 19.08 16.12
CA SER B 114 26.10 20.00 14.99
C SER B 114 24.65 20.40 14.69
N CYS B 115 23.74 19.42 14.75
CA CYS B 115 22.33 19.73 14.55
C CYS B 115 21.74 20.55 15.69
N PHE B 116 22.17 20.29 16.94
CA PHE B 116 21.73 21.15 18.04
C PHE B 116 22.16 22.60 17.82
N ASN B 117 23.44 22.81 17.47
CA ASN B 117 23.92 24.18 17.23
C ASN B 117 23.17 24.84 16.09
N SER B 118 22.78 24.05 15.09
CA SER B 118 22.08 24.62 13.93
C SER B 118 20.65 25.02 14.31
N ALA B 119 19.97 24.17 15.07
CA ALA B 119 18.61 24.48 15.50
C ALA B 119 18.60 25.70 16.42
N GLN B 120 19.64 25.83 17.26
CA GLN B 120 19.77 27.01 18.12
C GLN B 120 20.00 28.28 17.30
N ALA B 121 20.85 28.19 16.27
CA ALA B 121 21.07 29.33 15.39
C ALA B 121 19.78 29.76 14.71
N ILE B 122 18.95 28.80 14.27
CA ILE B 122 17.66 29.17 13.66
C ILE B 122 16.73 29.79 14.69
N LEU B 123 16.57 29.13 15.84
CA LEU B 123 15.55 29.56 16.81
C LEU B 123 15.89 30.92 17.44
N THR B 124 17.16 31.20 17.68
CA THR B 124 17.55 32.51 18.21
C THR B 124 17.72 33.57 17.14
N GLY B 125 17.45 33.26 15.89
CA GLY B 125 17.46 34.26 14.85
C GLY B 125 18.82 34.62 14.32
N GLN B 126 19.85 33.81 14.62
CA GLN B 126 21.16 34.03 14.02
C GLN B 126 21.14 33.73 12.53
N VAL B 127 20.34 32.74 12.12
CA VAL B 127 20.12 32.39 10.72
C VAL B 127 18.64 32.07 10.54
N ARG B 128 18.17 32.14 9.28
CA ARG B 128 16.79 31.77 8.95
C ARG B 128 16.63 30.26 8.87
N ASN B 129 17.54 29.60 8.18
CA ASN B 129 17.45 28.17 7.94
C ASN B 129 18.88 27.65 7.92
N ALA B 130 19.02 26.34 7.79
CA ALA B 130 20.37 25.76 7.87
C ALA B 130 20.39 24.36 7.26
N VAL B 131 21.60 23.93 6.91
CA VAL B 131 21.85 22.62 6.34
C VAL B 131 23.00 22.01 7.14
N ALA B 132 22.84 20.72 7.49
CA ALA B 132 23.81 19.99 8.31
C ALA B 132 24.32 18.80 7.51
N ILE B 133 25.59 18.86 7.12
CA ILE B 133 26.21 17.77 6.36
C ILE B 133 26.88 16.85 7.38
N VAL B 134 26.14 15.82 7.83
CA VAL B 134 26.55 15.02 8.99
C VAL B 134 26.44 13.52 8.69
N ARG B 135 27.26 12.74 9.39
CA ARG B 135 27.14 11.30 9.46
C ARG B 135 27.78 10.86 10.78
N PRO B 136 27.46 9.66 11.30
CA PRO B 136 26.50 8.66 10.81
C PRO B 136 25.07 9.18 10.88
N PRO B 137 24.18 8.60 10.09
CA PRO B 137 22.77 9.01 10.10
C PRO B 137 22.06 8.67 11.40
N GLY B 138 20.77 9.06 11.49
CA GLY B 138 20.06 8.95 12.76
C GLY B 138 18.69 8.28 12.78
N HIS B 139 17.96 8.32 11.67
CA HIS B 139 16.51 8.15 11.80
C HIS B 139 16.06 6.71 12.11
N HIS B 140 16.93 5.69 11.97
CA HIS B 140 16.60 4.34 12.40
C HIS B 140 16.88 4.09 13.87
N ALA B 141 17.63 4.97 14.54
CA ALA B 141 17.97 4.73 15.94
C ALA B 141 16.73 4.87 16.82
N GLU B 142 16.57 3.92 17.74
CA GLU B 142 15.47 3.86 18.68
C GLU B 142 15.93 4.36 20.05
N LYS B 143 14.96 4.52 20.96
CA LYS B 143 15.31 4.94 22.32
C LYS B 143 16.37 4.03 22.92
N ASP B 144 16.29 2.73 22.64
CA ASP B 144 17.12 1.74 23.31
C ASP B 144 18.01 0.94 22.34
N THR B 145 18.15 1.35 21.08
CA THR B 145 18.98 0.50 20.22
C THR B 145 19.48 1.25 18.99
N ALA B 146 20.64 0.82 18.51
CA ALA B 146 21.18 1.26 17.23
C ALA B 146 20.59 0.40 16.11
N CYS B 147 20.55 0.96 14.90
CA CYS B 147 19.92 0.23 13.81
C CYS B 147 20.24 0.93 12.49
N GLY B 148 20.47 0.13 11.44
CA GLY B 148 20.53 0.68 10.10
C GLY B 148 21.47 1.87 9.93
N PHE B 149 22.72 1.71 10.36
CA PHE B 149 23.80 2.69 10.23
C PHE B 149 23.65 3.82 11.23
N CYS B 150 22.65 3.79 12.10
CA CYS B 150 22.31 4.89 12.98
C CYS B 150 22.58 4.50 14.44
N PHE B 151 23.24 5.38 15.19
CA PHE B 151 23.50 5.13 16.60
C PHE B 151 22.55 5.89 17.52
N PHE B 152 22.45 7.20 17.31
CA PHE B 152 21.53 8.05 18.03
C PHE B 152 20.66 8.77 17.01
N ASN B 153 19.42 9.05 17.41
CA ASN B 153 18.47 9.63 16.46
C ASN B 153 18.65 11.15 16.44
N THR B 154 19.53 11.60 15.55
CA THR B 154 19.91 13.00 15.44
C THR B 154 18.69 13.91 15.29
N ALA B 155 17.77 13.54 14.39
CA ALA B 155 16.62 14.40 14.12
C ALA B 155 15.68 14.47 15.32
N ALA B 156 15.37 13.30 15.91
CA ALA B 156 14.50 13.27 17.08
C ALA B 156 15.12 14.04 18.23
N LEU B 157 16.41 13.81 18.47
CA LEU B 157 17.13 14.55 19.50
C LEU B 157 17.05 16.05 19.27
N THR B 158 17.14 16.47 18.01
CA THR B 158 17.15 17.89 17.69
C THR B 158 15.77 18.53 17.95
N ALA B 159 14.70 17.79 17.64
CA ALA B 159 13.35 18.25 18.02
C ALA B 159 13.26 18.46 19.52
N ARG B 160 13.70 17.47 20.29
CA ARG B 160 13.63 17.62 21.74
C ARG B 160 14.58 18.69 22.24
N TYR B 161 15.74 18.83 21.60
CA TYR B 161 16.65 19.87 22.01
C TYR B 161 16.04 21.24 21.79
N ALA B 162 15.42 21.44 20.62
CA ALA B 162 14.73 22.69 20.29
C ALA B 162 13.67 23.03 21.34
N GLN B 163 12.85 22.05 21.71
CA GLN B 163 11.86 22.29 22.76
C GLN B 163 12.55 22.64 24.08
N SER B 164 13.67 21.96 24.39
CA SER B 164 14.40 22.27 25.62
C SER B 164 14.89 23.72 25.67
N ILE B 165 15.18 24.35 24.53
CA ILE B 165 15.71 25.72 24.55
C ILE B 165 14.65 26.75 24.19
N THR B 166 13.40 26.30 24.03
CA THR B 166 12.31 27.24 23.78
C THR B 166 11.18 27.00 24.78
N ARG B 167 10.25 26.12 24.45
CA ARG B 167 9.24 25.69 25.40
C ARG B 167 8.84 24.27 25.02
N GLU B 168 8.34 23.49 26.00
CA GLU B 168 8.07 22.07 25.77
C GLU B 168 7.11 21.83 24.61
N SER B 169 6.16 22.74 24.38
CA SER B 169 5.13 22.55 23.37
C SER B 169 5.48 23.17 22.02
N LEU B 170 6.71 23.63 21.81
CA LEU B 170 7.13 24.09 20.50
C LEU B 170 6.75 23.06 19.44
N ARG B 171 6.02 23.50 18.42
CA ARG B 171 5.51 22.59 17.39
C ARG B 171 6.62 22.34 16.38
N VAL B 172 7.08 21.08 16.33
CA VAL B 172 8.15 20.69 15.41
C VAL B 172 7.56 19.76 14.36
N LEU B 173 7.80 20.08 13.10
CA LEU B 173 7.53 19.17 12.01
C LEU B 173 8.83 18.49 11.61
N ILE B 174 8.83 17.14 11.57
CA ILE B 174 9.92 16.38 10.99
C ILE B 174 9.38 15.75 9.73
N VAL B 175 9.97 16.11 8.59
CA VAL B 175 9.65 15.53 7.29
C VAL B 175 10.81 14.65 6.91
N ASP B 176 10.55 13.36 6.74
CA ASP B 176 11.61 12.38 6.53
C ASP B 176 11.50 11.88 5.09
N TRP B 177 12.30 12.44 4.21
CA TRP B 177 12.24 12.04 2.81
C TRP B 177 13.37 11.10 2.41
N ASP B 178 14.17 10.64 3.36
CA ASP B 178 15.01 9.48 3.10
C ASP B 178 14.13 8.36 2.54
N VAL B 179 14.68 7.53 1.65
CA VAL B 179 13.81 6.55 1.02
C VAL B 179 13.32 5.47 1.98
N HIS B 180 13.95 5.33 3.14
CA HIS B 180 13.54 4.34 4.13
C HIS B 180 12.72 4.97 5.25
N HIS B 181 11.87 4.16 5.87
CA HIS B 181 11.06 4.65 6.99
C HIS B 181 11.95 4.95 8.18
N GLY B 182 11.76 6.11 8.81
CA GLY B 182 12.51 6.37 10.04
C GLY B 182 11.80 5.75 11.24
N ASN B 183 11.93 4.44 11.44
CA ASN B 183 11.20 3.74 12.49
C ASN B 183 11.48 4.36 13.86
N GLY B 184 12.72 4.76 14.10
CA GLY B 184 13.07 5.35 15.39
C GLY B 184 12.37 6.68 15.62
N THR B 185 12.34 7.54 14.61
CA THR B 185 11.63 8.81 14.79
C THR B 185 10.15 8.57 15.06
N GLN B 186 9.51 7.69 14.27
CA GLN B 186 8.09 7.41 14.49
C GLN B 186 7.85 6.93 15.91
N HIS B 187 8.67 5.98 16.38
CA HIS B 187 8.43 5.41 17.69
C HIS B 187 8.65 6.43 18.79
N ILE B 188 9.70 7.25 18.67
CA ILE B 188 10.01 8.22 19.73
C ILE B 188 8.86 9.19 19.94
N PHE B 189 8.21 9.60 18.85
CA PHE B 189 7.15 10.61 18.94
C PHE B 189 5.75 10.03 18.74
N GLU B 190 5.58 8.70 18.84
CA GLU B 190 4.32 8.09 18.42
CA GLU B 190 4.33 8.07 18.44
C GLU B 190 3.15 8.58 19.26
N GLU B 191 3.37 8.92 20.53
CA GLU B 191 2.32 9.39 21.43
C GLU B 191 2.32 10.90 21.57
N ASP B 192 3.07 11.60 20.73
CA ASP B 192 3.39 13.01 20.93
C ASP B 192 2.68 13.83 19.88
N ASP B 193 1.83 14.76 20.32
CA ASP B 193 1.21 15.69 19.41
C ASP B 193 1.96 17.01 19.26
N SER B 194 3.10 17.17 19.94
CA SER B 194 3.93 18.35 19.71
C SER B 194 4.90 18.19 18.53
N VAL B 195 5.19 16.96 18.13
CA VAL B 195 6.12 16.68 17.04
C VAL B 195 5.34 15.86 16.02
N LEU B 196 5.06 16.47 14.88
CA LEU B 196 4.41 15.83 13.75
C LEU B 196 5.47 15.14 12.89
N TYR B 197 5.35 13.84 12.72
CA TYR B 197 6.27 13.07 11.90
C TYR B 197 5.62 12.68 10.58
N ILE B 198 6.18 13.11 9.47
CA ILE B 198 5.74 12.70 8.15
C ILE B 198 6.92 12.02 7.45
N SER B 199 6.75 10.75 7.07
CA SER B 199 7.76 10.03 6.32
C SER B 199 7.19 9.52 5.01
N LEU B 200 7.99 9.64 3.96
CA LEU B 200 7.73 8.99 2.69
C LEU B 200 8.80 7.92 2.52
N HIS B 201 8.40 6.74 2.07
CA HIS B 201 9.37 5.67 2.06
C HIS B 201 8.90 4.55 1.16
N ARG B 202 9.88 3.91 0.52
CA ARG B 202 9.60 2.65 -0.15
C ARG B 202 9.18 1.58 0.86
N TYR B 203 8.06 0.90 0.59
CA TYR B 203 7.48 0.00 1.58
C TYR B 203 7.36 -1.42 1.05
N GLU B 204 6.61 -1.62 -0.04
CA GLU B 204 6.47 -2.94 -0.70
C GLU B 204 6.07 -4.03 0.31
N ASP B 205 5.02 -3.73 1.09
CA ASP B 205 4.42 -4.67 2.05
C ASP B 205 5.44 -5.21 3.04
N GLY B 206 6.33 -4.33 3.50
CA GLY B 206 7.36 -4.72 4.43
C GLY B 206 8.56 -5.37 3.81
N ALA B 207 8.65 -5.45 2.48
CA ALA B 207 9.81 -6.04 1.83
C ALA B 207 10.91 -5.02 1.59
N PHE B 208 10.96 -3.96 2.39
CA PHE B 208 12.02 -2.97 2.27
C PHE B 208 12.46 -2.57 3.66
N PHE B 209 13.78 -2.48 3.86
CA PHE B 209 14.30 -2.07 5.16
C PHE B 209 13.60 -0.80 5.62
N PRO B 210 13.22 -0.70 6.90
CA PRO B 210 13.49 -1.64 8.00
C PRO B 210 12.50 -2.81 8.15
N ASN B 211 11.74 -3.12 7.10
CA ASN B 211 11.03 -4.40 6.97
C ASN B 211 9.91 -4.62 8.00
N SER B 212 9.17 -3.57 8.35
CA SER B 212 8.14 -3.72 9.37
C SER B 212 6.87 -3.00 8.93
N GLU B 213 5.72 -3.56 9.35
CA GLU B 213 4.44 -2.95 9.02
C GLU B 213 4.18 -1.68 9.82
N ASP B 214 5.08 -1.34 10.74
CA ASP B 214 5.04 -0.02 11.37
C ASP B 214 5.08 1.12 10.35
N ALA B 215 5.62 0.89 9.16
CA ALA B 215 5.77 1.92 8.15
C ALA B 215 4.54 2.11 7.28
N ASN B 216 3.46 1.38 7.52
CA ASN B 216 2.33 1.48 6.61
C ASN B 216 1.48 2.71 6.94
N TYR B 217 0.59 3.05 6.00
CA TYR B 217 -0.18 4.29 6.12
C TYR B 217 -1.14 4.26 7.29
N ASP B 218 -1.50 3.07 7.80
CA ASP B 218 -2.49 2.98 8.86
C ASP B 218 -1.91 3.20 10.25
N LYS B 219 -0.59 3.37 10.38
CA LYS B 219 0.00 3.75 11.66
C LYS B 219 -0.04 5.27 11.72
N VAL B 220 -1.05 5.80 12.42
CA VAL B 220 -1.34 7.23 12.40
C VAL B 220 -0.98 7.89 13.70
N GLY B 221 -0.34 7.16 14.59
CA GLY B 221 -0.04 7.66 15.92
C GLY B 221 -0.92 7.00 16.97
N LEU B 222 -0.55 7.25 18.21
CA LEU B 222 -1.17 6.57 19.34
C LEU B 222 -1.56 7.58 20.41
N GLY B 223 -2.70 7.35 21.05
CA GLY B 223 -3.14 8.22 22.13
C GLY B 223 -3.35 9.65 21.69
N LYS B 224 -2.86 10.60 22.49
CA LYS B 224 -3.02 11.97 22.02
C LYS B 224 -2.21 12.23 20.77
N GLY B 225 -1.30 11.32 20.41
CA GLY B 225 -0.53 11.36 19.19
C GLY B 225 -1.25 10.91 17.94
N ARG B 226 -2.52 10.49 18.05
CA ARG B 226 -3.30 10.06 16.89
C ARG B 226 -3.50 11.22 15.91
N GLY B 227 -3.11 11.00 14.66
CA GLY B 227 -3.07 12.01 13.64
C GLY B 227 -1.69 12.63 13.39
N TYR B 228 -0.76 12.53 14.35
CA TYR B 228 0.52 13.22 14.28
C TYR B 228 1.64 12.31 13.80
N ASN B 229 1.30 11.21 13.16
CA ASN B 229 2.25 10.34 12.47
C ASN B 229 1.67 10.07 11.11
N VAL B 230 2.39 10.44 10.06
CA VAL B 230 1.89 10.32 8.70
C VAL B 230 2.89 9.52 7.89
N ASN B 231 2.54 8.26 7.58
CA ASN B 231 3.37 7.40 6.72
C ASN B 231 2.83 7.41 5.31
N ILE B 232 3.71 7.74 4.36
CA ILE B 232 3.34 7.69 2.93
C ILE B 232 4.15 6.58 2.28
N PRO B 233 3.62 5.34 2.21
CA PRO B 233 4.39 4.20 1.71
C PRO B 233 4.22 3.95 0.22
N TRP B 234 5.35 3.70 -0.46
CA TRP B 234 5.35 3.41 -1.89
C TRP B 234 5.44 1.92 -2.12
N ASN B 235 4.71 1.43 -3.12
CA ASN B 235 4.58 -0.01 -3.36
C ASN B 235 4.83 -0.41 -4.82
N GLY B 237 8.52 1.17 -6.67
CA GLY B 237 9.54 1.07 -7.70
C GLY B 237 9.57 2.25 -8.65
N LYS B 238 10.76 2.85 -8.82
CA LYS B 238 10.99 3.94 -9.77
C LYS B 238 10.07 5.14 -9.48
N MET B 239 9.70 5.35 -8.22
CA MET B 239 9.04 6.61 -7.86
C MET B 239 10.01 7.77 -8.09
N GLY B 240 9.45 8.93 -8.43
CA GLY B 240 10.31 10.06 -8.78
C GLY B 240 9.66 11.40 -8.50
N ASP B 241 10.11 12.45 -9.20
CA ASP B 241 9.56 13.79 -8.96
C ASP B 241 8.03 13.82 -9.01
N PRO B 242 7.34 13.20 -9.98
CA PRO B 242 5.87 13.31 -10.01
C PRO B 242 5.21 12.81 -8.74
N GLU B 243 5.63 11.67 -8.24
CA GLU B 243 5.00 11.08 -7.06
C GLU B 243 5.31 11.88 -5.81
N TYR B 244 6.56 12.34 -5.67
CA TYR B 244 6.90 13.13 -4.48
C TYR B 244 6.22 14.50 -4.52
N MET B 245 6.17 15.13 -5.69
CA MET B 245 5.43 16.39 -5.79
C MET B 245 3.95 16.20 -5.47
N ALA B 246 3.35 15.08 -5.93
CA ALA B 246 1.94 14.88 -5.66
C ALA B 246 1.70 14.58 -4.19
N ALA B 247 2.59 13.81 -3.58
CA ALA B 247 2.42 13.57 -2.16
C ALA B 247 2.55 14.88 -1.35
N PHE B 248 3.46 15.78 -1.75
CA PHE B 248 3.55 17.05 -1.03
C PHE B 248 2.29 17.88 -1.24
N HIS B 249 1.76 17.89 -2.46
CA HIS B 249 0.59 18.71 -2.75
C HIS B 249 -0.65 18.24 -1.97
N HIS B 250 -0.93 16.93 -1.97
CA HIS B 250 -2.17 16.42 -1.39
C HIS B 250 -2.06 16.13 0.10
N LEU B 251 -0.86 15.87 0.60
CA LEU B 251 -0.73 15.36 1.96
C LEU B 251 0.25 16.17 2.80
N VAL B 252 1.53 16.25 2.39
CA VAL B 252 2.54 16.79 3.30
C VAL B 252 2.25 18.26 3.60
N MET B 253 2.00 19.06 2.56
CA MET B 253 1.87 20.49 2.78
C MET B 253 0.50 20.83 3.38
N PRO B 254 -0.60 20.22 2.94
CA PRO B 254 -1.87 20.51 3.65
C PRO B 254 -1.80 20.17 5.13
N ILE B 255 -1.25 19.00 5.48
CA ILE B 255 -1.22 18.64 6.91
C ILE B 255 -0.27 19.56 7.69
N ALA B 256 0.90 19.86 7.11
CA ALA B 256 1.85 20.75 7.79
C ALA B 256 1.23 22.11 8.04
N ARG B 257 0.52 22.65 7.05
CA ARG B 257 -0.05 23.98 7.26
C ARG B 257 -1.07 23.96 8.39
N GLU B 258 -1.84 22.87 8.49
CA GLU B 258 -2.84 22.79 9.55
C GLU B 258 -2.18 22.63 10.91
N PHE B 259 -1.08 21.89 10.96
CA PHE B 259 -0.35 21.73 12.20
C PHE B 259 0.34 23.03 12.61
N ALA B 260 0.78 23.82 11.63
CA ALA B 260 1.41 25.11 11.86
C ALA B 260 2.69 25.00 12.66
N PRO B 261 3.69 24.26 12.17
CA PRO B 261 4.92 24.09 12.94
C PRO B 261 5.66 25.41 13.15
N GLU B 262 6.43 25.44 14.23
CA GLU B 262 7.28 26.58 14.46
C GLU B 262 8.72 26.31 14.05
N LEU B 263 9.07 25.05 13.82
CA LEU B 263 10.38 24.63 13.34
C LEU B 263 10.19 23.41 12.45
N VAL B 264 10.88 23.38 11.32
CA VAL B 264 10.81 22.25 10.40
C VAL B 264 12.18 21.60 10.35
N LEU B 265 12.23 20.30 10.70
CA LEU B 265 13.43 19.49 10.54
C LEU B 265 13.22 18.55 9.39
N VAL B 266 14.22 18.42 8.53
CA VAL B 266 14.12 17.49 7.42
C VAL B 266 15.11 16.36 7.65
N SER B 267 14.61 15.16 7.84
CA SER B 267 15.47 13.98 7.78
C SER B 267 15.69 13.74 6.31
N ALA B 268 16.79 14.31 5.82
CA ALA B 268 17.04 14.47 4.41
C ALA B 268 18.05 13.43 3.95
N GLY B 269 17.58 12.19 3.83
CA GLY B 269 18.30 11.22 3.05
C GLY B 269 18.17 11.50 1.58
N PHE B 270 19.21 11.14 0.82
CA PHE B 270 19.15 11.33 -0.62
C PHE B 270 19.29 9.99 -1.34
N ASP B 271 18.84 8.93 -0.67
CA ASP B 271 18.83 7.61 -1.28
C ASP B 271 17.58 7.34 -2.11
N ALA B 272 16.68 8.32 -2.26
CA ALA B 272 15.65 8.24 -3.30
C ALA B 272 16.13 8.83 -4.63
N ALA B 273 17.39 9.23 -4.72
CA ALA B 273 17.92 9.83 -5.93
C ALA B 273 18.35 8.74 -6.91
N ARG B 274 18.50 9.13 -8.18
CA ARG B 274 18.89 8.20 -9.23
C ARG B 274 20.22 7.52 -8.91
N GLY B 275 20.32 6.24 -9.30
CA GLY B 275 21.58 5.53 -9.20
C GLY B 275 21.97 5.09 -7.81
N ASP B 276 21.02 4.94 -6.90
CA ASP B 276 21.32 4.50 -5.55
C ASP B 276 20.86 3.06 -5.37
N PRO B 277 21.79 2.12 -5.19
CA PRO B 277 21.40 0.70 -5.04
C PRO B 277 20.54 0.43 -3.81
N LEU B 278 20.53 1.32 -2.81
CA LEU B 278 19.68 1.13 -1.64
C LEU B 278 18.35 1.90 -1.76
N GLY B 279 18.03 2.42 -2.94
CA GLY B 279 16.79 3.14 -3.04
C GLY B 279 15.94 2.62 -4.18
N GLY B 280 16.50 2.67 -5.38
CA GLY B 280 15.78 2.23 -6.55
C GLY B 280 14.83 3.26 -7.12
N PHE B 281 14.86 4.50 -6.61
CA PHE B 281 14.00 5.60 -7.04
C PHE B 281 14.75 6.58 -7.96
N GLN B 282 14.08 7.66 -8.37
CA GLN B 282 14.68 8.57 -9.34
C GLN B 282 14.25 10.01 -9.08
N VAL B 283 14.15 10.41 -7.81
CA VAL B 283 13.95 11.82 -7.49
C VAL B 283 15.18 12.60 -7.94
N THR B 284 14.96 13.69 -8.70
CA THR B 284 16.09 14.43 -9.27
C THR B 284 16.52 15.55 -8.32
N PRO B 285 17.75 16.07 -8.46
CA PRO B 285 18.11 17.26 -7.66
C PRO B 285 17.08 18.37 -7.76
N GLU B 286 16.48 18.56 -8.94
CA GLU B 286 15.44 19.59 -9.08
C GLU B 286 14.20 19.23 -8.25
N GLY B 287 13.88 17.93 -8.18
CA GLY B 287 12.79 17.50 -7.31
C GLY B 287 13.03 17.86 -5.86
N TYR B 288 14.23 17.56 -5.35
CA TYR B 288 14.57 17.90 -3.97
C TYR B 288 14.53 19.41 -3.74
N ALA B 289 15.02 20.18 -4.72
CA ALA B 289 14.88 21.63 -4.64
C ALA B 289 13.43 22.04 -4.44
N HIS B 290 12.52 21.40 -5.20
CA HIS B 290 11.12 21.78 -5.11
C HIS B 290 10.52 21.40 -3.76
N LEU B 291 10.89 20.25 -3.23
CA LEU B 291 10.44 19.87 -1.90
C LEU B 291 10.96 20.83 -0.84
N THR B 292 12.25 21.20 -0.94
CA THR B 292 12.82 22.13 0.02
C THR B 292 12.10 23.47 -0.01
N HIS B 293 11.83 23.96 -1.22
CA HIS B 293 11.22 25.28 -1.37
C HIS B 293 9.78 25.29 -0.84
N GLN B 294 9.06 24.19 -1.00
CA GLN B 294 7.73 24.11 -0.39
C GLN B 294 7.82 24.18 1.13
N LEU B 295 8.77 23.45 1.72
CA LEU B 295 8.87 23.44 3.17
C LEU B 295 9.30 24.80 3.71
N MET B 296 10.03 25.58 2.93
CA MET B 296 10.42 26.93 3.35
C MET B 296 9.22 27.85 3.49
N SER B 297 8.08 27.51 2.89
CA SER B 297 6.82 28.24 3.09
C SER B 297 6.24 28.09 4.50
N LEU B 298 6.76 27.17 5.30
CA LEU B 298 6.27 26.89 6.64
C LEU B 298 7.15 27.54 7.71
N ALA B 299 6.55 27.74 8.89
CA ALA B 299 7.30 28.01 10.12
C ALA B 299 8.18 29.25 10.00
N ALA B 300 7.70 30.27 9.28
CA ALA B 300 8.48 31.48 9.03
C ALA B 300 9.84 31.14 8.45
N GLY B 301 9.91 30.04 7.69
CA GLY B 301 11.14 29.65 7.03
C GLY B 301 12.13 28.92 7.89
N ARG B 302 11.76 28.55 9.13
CA ARG B 302 12.71 27.96 10.05
C ARG B 302 12.87 26.47 9.71
N VAL B 303 13.80 26.18 8.80
CA VAL B 303 13.97 24.84 8.25
C VAL B 303 15.41 24.42 8.46
N LEU B 304 15.62 23.21 8.97
CA LEU B 304 16.94 22.60 9.15
C LEU B 304 16.96 21.32 8.34
N ILE B 305 17.90 21.22 7.40
CA ILE B 305 18.04 20.08 6.50
C ILE B 305 19.15 19.19 7.06
N ILE B 306 18.81 17.95 7.43
CA ILE B 306 19.72 17.06 8.13
C ILE B 306 20.00 15.84 7.23
N LEU B 307 21.25 15.67 6.81
CA LEU B 307 21.60 14.49 6.01
C LEU B 307 21.29 13.21 6.77
N GLU B 308 20.58 12.28 6.13
CA GLU B 308 20.40 10.93 6.64
C GLU B 308 21.17 9.99 5.70
N GLY B 309 20.43 9.15 4.95
CA GLY B 309 21.05 8.23 4.02
C GLY B 309 21.32 8.88 2.67
N GLY B 310 21.59 8.05 1.68
CA GLY B 310 21.91 8.53 0.36
C GLY B 310 23.34 8.10 0.07
N TYR B 311 23.55 7.29 -0.97
CA TYR B 311 24.81 6.56 -1.09
C TYR B 311 25.49 6.67 -2.44
N ASN B 312 24.87 7.31 -3.43
CA ASN B 312 25.54 7.59 -4.69
C ASN B 312 26.23 8.94 -4.50
N LEU B 313 27.57 8.94 -4.46
CA LEU B 313 28.28 10.14 -4.03
C LEU B 313 27.96 11.34 -4.93
N THR B 314 27.84 11.10 -6.23
CA THR B 314 27.50 12.21 -7.12
C THR B 314 26.04 12.64 -6.94
N SER B 315 25.11 11.69 -6.77
CA SER B 315 23.71 12.08 -6.63
C SER B 315 23.47 12.84 -5.35
N ILE B 316 24.08 12.38 -4.23
CA ILE B 316 23.81 13.09 -2.99
C ILE B 316 24.49 14.44 -2.97
N SER B 317 25.62 14.59 -3.66
CA SER B 317 26.26 15.88 -3.65
C SER B 317 25.48 16.87 -4.50
N GLU B 318 24.90 16.42 -5.62
CA GLU B 318 24.11 17.34 -6.43
C GLU B 318 22.78 17.68 -5.77
N SER B 319 22.13 16.70 -5.15
CA SER B 319 20.79 16.92 -4.60
C SER B 319 20.84 17.72 -3.32
N MET B 320 21.78 17.40 -2.43
CA MET B 320 21.85 18.21 -1.22
C MET B 320 22.31 19.62 -1.53
N SER B 321 23.21 19.81 -2.52
CA SER B 321 23.57 21.19 -2.87
C SER B 321 22.37 21.94 -3.43
N MET B 322 21.51 21.28 -4.21
CA MET B 322 20.33 21.97 -4.69
C MET B 322 19.41 22.38 -3.55
N CYS B 323 19.37 21.60 -2.47
CA CYS B 323 18.56 22.03 -1.33
C CYS B 323 19.15 23.27 -0.67
N THR B 324 20.46 23.32 -0.54
CA THR B 324 21.10 24.52 0.03
C THR B 324 20.86 25.74 -0.85
N SER B 325 20.94 25.56 -2.16
CA SER B 325 20.57 26.62 -3.07
C SER B 325 19.16 27.14 -2.78
N MET B 326 18.20 26.24 -2.49
CA MET B 326 16.86 26.74 -2.20
C MET B 326 16.83 27.50 -0.87
N LEU B 327 17.49 26.95 0.16
CA LEU B 327 17.55 27.64 1.45
C LEU B 327 18.13 29.05 1.28
N LEU B 328 19.10 29.20 0.39
CA LEU B 328 19.73 30.49 0.16
C LEU B 328 18.84 31.46 -0.60
N GLY B 329 17.70 31.03 -1.12
CA GLY B 329 16.79 31.93 -1.80
C GLY B 329 16.86 31.93 -3.31
N ASP B 330 17.64 31.03 -3.90
CA ASP B 330 17.66 30.93 -5.36
C ASP B 330 16.32 30.40 -5.86
N SER B 331 15.96 30.80 -7.07
CA SER B 331 14.65 30.46 -7.61
C SER B 331 14.60 28.96 -7.92
N PRO B 332 13.49 28.29 -7.61
CA PRO B 332 13.38 26.85 -7.84
C PRO B 332 13.55 26.52 -9.33
N PRO B 333 14.31 25.48 -9.65
CA PRO B 333 14.57 25.15 -11.05
C PRO B 333 13.32 24.64 -11.76
N SER B 334 13.45 24.52 -13.08
CA SER B 334 12.37 23.99 -13.91
C SER B 334 12.08 22.54 -13.61
N LEU B 335 10.80 22.26 -13.33
CA LEU B 335 10.31 20.90 -13.11
C LEU B 335 9.02 20.61 -13.90
N THR B 339 3.14 15.12 -15.65
CA THR B 339 3.49 13.71 -15.87
C THR B 339 2.57 12.85 -15.02
N PRO B 340 1.98 11.81 -15.60
CA PRO B 340 1.09 10.94 -14.81
C PRO B 340 1.86 10.13 -13.77
N LEU B 341 1.24 9.93 -12.62
CA LEU B 341 1.83 9.15 -11.56
C LEU B 341 1.87 7.69 -11.92
N LYS B 342 2.87 6.99 -11.36
CA LYS B 342 2.80 5.54 -11.37
C LYS B 342 1.53 5.14 -10.63
N THR B 343 0.89 4.08 -11.10
CA THR B 343 -0.45 3.76 -10.64
C THR B 343 -0.49 3.55 -9.13
N SER B 344 0.40 2.70 -8.62
CA SER B 344 0.51 2.46 -7.19
C SER B 344 0.65 3.74 -6.38
N ALA B 345 1.31 4.75 -6.93
CA ALA B 345 1.47 5.98 -6.14
C ALA B 345 0.12 6.66 -5.89
N THR B 346 -0.75 6.67 -6.90
CA THR B 346 -2.11 7.16 -6.70
C THR B 346 -2.81 6.40 -5.56
N VAL B 347 -2.64 5.08 -5.51
CA VAL B 347 -3.23 4.26 -4.45
C VAL B 347 -2.64 4.62 -3.08
N SER B 348 -1.32 4.83 -3.01
CA SER B 348 -0.71 5.17 -1.72
C SER B 348 -1.24 6.49 -1.19
N ILE B 349 -1.27 7.51 -2.03
CA ILE B 349 -1.72 8.82 -1.58
C ILE B 349 -3.16 8.74 -1.12
N ASN B 350 -3.97 7.95 -1.84
CA ASN B 350 -5.38 7.88 -1.48
CA ASN B 350 -5.40 7.83 -1.52
C ASN B 350 -5.59 7.14 -0.18
N ASN B 351 -4.76 6.14 0.10
CA ASN B 351 -4.85 5.43 1.37
C ASN B 351 -4.52 6.34 2.54
N VAL B 352 -3.44 7.13 2.41
CA VAL B 352 -3.07 8.03 3.50
C VAL B 352 -4.15 9.09 3.69
N LEU B 353 -4.70 9.62 2.59
CA LEU B 353 -5.76 10.63 2.67
C LEU B 353 -6.96 10.10 3.44
N ARG B 354 -7.37 8.86 3.14
CA ARG B 354 -8.49 8.26 3.86
C ARG B 354 -8.13 8.00 5.32
N ALA B 355 -6.89 7.58 5.58
CA ALA B 355 -6.48 7.27 6.94
C ALA B 355 -6.38 8.51 7.80
N HIS B 356 -6.03 9.65 7.21
CA HIS B 356 -5.79 10.85 8.00
C HIS B 356 -6.94 11.84 7.94
N ALA B 357 -7.98 11.54 7.15
CA ALA B 357 -9.19 12.35 7.10
C ALA B 357 -9.77 12.67 8.48
N PRO B 358 -9.83 11.75 9.45
CA PRO B 358 -10.42 12.13 10.74
C PRO B 358 -9.66 13.23 11.44
N PHE B 359 -8.34 13.31 11.23
CA PHE B 359 -7.49 14.14 12.07
C PHE B 359 -7.17 15.50 11.47
N TRP B 360 -7.32 15.67 10.15
CA TRP B 360 -6.85 16.86 9.45
C TRP B 360 -8.00 17.37 8.58
N SER B 361 -8.68 18.39 9.09
CA SER B 361 -9.91 18.87 8.46
C SER B 361 -9.66 19.43 7.07
N SER B 362 -8.45 19.88 6.78
CA SER B 362 -8.22 20.47 5.46
C SER B 362 -8.00 19.43 4.37
N LEU B 363 -7.86 18.15 4.70
CA LEU B 363 -7.65 17.14 3.67
C LEU B 363 -8.90 16.95 2.83
N ARG B 364 -8.71 16.66 1.55
CA ARG B 364 -9.82 16.50 0.61
C ARG B 364 -9.73 15.22 -0.19
#